data_2FYC
#
_entry.id   2FYC
#
_cell.length_a   57.374
_cell.length_b   94.615
_cell.length_c   99.603
_cell.angle_alpha   90.00
_cell.angle_beta   101.78
_cell.angle_gamma   90.00
#
_symmetry.space_group_name_H-M   'P 1 21 1'
#
loop_
_entity.id
_entity.type
_entity.pdbx_description
1 polymer Alpha-lactalbumin
2 polymer beta-1,4-galactosyltransferase
3 non-polymer 'CALCIUM ION'
4 non-polymer '2-(N-MORPHOLINO)-ETHANESULFONIC ACID'
5 non-polymer "GALACTOSE-URIDINE-5'-DIPHOSPHATE"
6 non-polymer "URIDINE-5'-DIPHOSPHATE"
7 water water
#
loop_
_entity_poly.entity_id
_entity_poly.type
_entity_poly.pdbx_seq_one_letter_code
_entity_poly.pdbx_strand_id
1 'polypeptide(L)'
;TELTKCKVSHAIKDIDGYQGISLLEWACVLFHTSGYDTQAVVNDNGSTEYGLFQISDRFWCKSSEFPESENICGISCDKL
LDDELDDDIACAKKILAIKGIDYWKAYKPMCSEKLEQWRCEKP
;
A,C
2 'polypeptide(L)'
;ASMTGGQQMGRGSSLTACPEESPLLVGPMLIEFNIPVDLKLVEQQNPKVKLGGRYTPMDCISPHKVAIIIPFRNRQEHLK
YWLYYLHPILQRQQLDYGIYVINQAGESMFNRAKLLNVGFKEALKDYDYNCFVFSDVDLIPMNDHNTYRCFSQPRHISVA
MDKFGFSLPYVQYFGGVSALSKQQFLSINGFPNNYWGWGGEDDDIYNRLAFRGMSVSRPNAVIGKTRHIRHSRDKKNEPN
PQRFDRIAHTKETMLSDGLNSLTYMVLEVQRYPLYTKITVDIGTPS
;
B,D
#
loop_
_chem_comp.id
_chem_comp.type
_chem_comp.name
_chem_comp.formula
CA non-polymer 'CALCIUM ION' 'Ca 2'
GDU non-polymer GALACTOSE-URIDINE-5'-DIPHOSPHATE 'C15 H24 N2 O17 P2'
MES non-polymer '2-(N-MORPHOLINO)-ETHANESULFONIC ACID' 'C6 H13 N O4 S'
UDP RNA linking URIDINE-5'-DIPHOSPHATE 'C9 H14 N2 O12 P2'
#
# COMPACT_ATOMS: atom_id res chain seq x y z
N THR A 1 -28.72 0.68 -5.36
CA THR A 1 -27.40 0.05 -5.07
C THR A 1 -26.29 0.72 -5.88
N GLU A 2 -25.14 0.89 -5.22
CA GLU A 2 -23.97 1.50 -5.85
C GLU A 2 -23.24 0.39 -6.58
N LEU A 3 -23.32 0.40 -7.90
CA LEU A 3 -22.67 -0.65 -8.67
C LEU A 3 -21.23 -0.27 -9.01
N THR A 4 -20.53 -1.22 -9.58
CA THR A 4 -19.14 -1.00 -9.97
C THR A 4 -19.15 -0.80 -11.47
N LYS A 5 -18.06 -0.27 -12.00
CA LYS A 5 -17.95 -0.03 -13.42
C LYS A 5 -18.22 -1.30 -14.25
N CYS A 6 -17.64 -2.42 -13.85
CA CYS A 6 -17.87 -3.65 -14.60
C CYS A 6 -19.29 -4.18 -14.44
N LYS A 7 -19.88 -4.01 -13.26
CA LYS A 7 -21.24 -4.49 -13.08
C LYS A 7 -22.12 -3.73 -14.09
N VAL A 8 -21.92 -2.42 -14.16
CA VAL A 8 -22.67 -1.58 -15.07
C VAL A 8 -22.42 -1.98 -16.51
N SER A 9 -21.15 -2.08 -16.90
CA SER A 9 -20.80 -2.45 -18.26
C SER A 9 -21.43 -3.77 -18.61
N HIS A 10 -21.42 -4.73 -17.69
CA HIS A 10 -22.07 -5.99 -18.02
C HIS A 10 -23.58 -5.79 -18.13
N ALA A 11 -24.16 -5.05 -17.21
CA ALA A 11 -25.61 -4.85 -17.25
C ALA A 11 -26.11 -4.12 -18.49
N ILE A 12 -25.38 -3.11 -18.96
CA ILE A 12 -25.83 -2.34 -20.12
C ILE A 12 -25.26 -2.70 -21.48
N LYS A 13 -24.64 -3.88 -21.55
CA LYS A 13 -24.03 -4.34 -22.79
C LYS A 13 -24.93 -4.13 -24.00
N ASP A 14 -26.22 -4.43 -23.84
CA ASP A 14 -27.17 -4.28 -24.95
C ASP A 14 -27.21 -2.89 -25.57
N ILE A 15 -26.73 -1.88 -24.86
CA ILE A 15 -26.75 -0.51 -25.36
C ILE A 15 -25.47 -0.13 -26.11
N ASP A 16 -24.45 -0.99 -26.05
CA ASP A 16 -23.19 -0.72 -26.71
C ASP A 16 -23.40 -0.30 -28.16
N GLY A 17 -22.70 0.75 -28.60
CA GLY A 17 -22.82 1.23 -29.96
C GLY A 17 -24.15 1.86 -30.37
N TYR A 18 -25.19 1.71 -29.56
CA TYR A 18 -26.48 2.30 -29.93
C TYR A 18 -26.38 3.80 -30.18
N GLN A 19 -26.86 4.24 -31.34
CA GLN A 19 -26.79 5.64 -31.68
C GLN A 19 -25.31 6.09 -31.68
N GLY A 20 -24.40 5.13 -31.85
CA GLY A 20 -22.98 5.47 -31.92
C GLY A 20 -22.21 5.64 -30.61
N ILE A 21 -22.86 5.48 -29.48
CA ILE A 21 -22.16 5.65 -28.20
C ILE A 21 -21.63 4.30 -27.72
N SER A 22 -20.33 4.22 -27.48
CA SER A 22 -19.74 2.96 -27.01
C SER A 22 -19.94 2.69 -25.51
N LEU A 23 -19.55 1.50 -25.08
CA LEU A 23 -19.65 1.10 -23.68
C LEU A 23 -18.69 1.91 -22.83
N LEU A 24 -17.51 2.20 -23.37
CA LEU A 24 -16.53 2.98 -22.65
C LEU A 24 -17.12 4.33 -22.38
N GLU A 25 -17.73 4.92 -23.40
CA GLU A 25 -18.34 6.23 -23.21
C GLU A 25 -19.48 6.16 -22.20
N TRP A 26 -20.27 5.08 -22.23
CA TRP A 26 -21.39 4.96 -21.28
C TRP A 26 -20.88 4.75 -19.86
N ALA A 27 -19.84 3.94 -19.71
CA ALA A 27 -19.28 3.71 -18.40
C ALA A 27 -18.82 5.07 -17.85
N CYS A 28 -18.20 5.88 -18.71
CA CYS A 28 -17.76 7.17 -18.26
C CYS A 28 -18.96 8.04 -17.92
N VAL A 29 -19.90 8.18 -18.85
CA VAL A 29 -21.06 9.02 -18.61
C VAL A 29 -21.83 8.65 -17.31
N LEU A 30 -22.06 7.36 -17.10
CA LEU A 30 -22.83 6.95 -15.93
C LEU A 30 -22.10 7.23 -14.63
N PHE A 31 -20.77 7.09 -14.63
CA PHE A 31 -20.05 7.39 -13.38
C PHE A 31 -20.31 8.83 -13.00
N HIS A 32 -20.16 9.76 -13.94
CA HIS A 32 -20.34 11.16 -13.64
C HIS A 32 -21.80 11.53 -13.45
N THR A 33 -22.70 10.76 -14.04
CA THR A 33 -24.11 11.08 -13.96
C THR A 33 -24.76 10.68 -12.63
N SER A 34 -24.50 9.46 -12.19
CA SER A 34 -25.10 8.98 -10.95
C SER A 34 -24.12 8.26 -10.03
N GLY A 35 -22.84 8.24 -10.39
CA GLY A 35 -21.87 7.54 -9.54
C GLY A 35 -22.19 6.06 -9.49
N TYR A 36 -22.89 5.58 -10.51
CA TYR A 36 -23.30 4.19 -10.61
C TYR A 36 -24.33 3.79 -9.54
N ASP A 37 -24.99 4.78 -8.94
CA ASP A 37 -25.99 4.48 -7.91
C ASP A 37 -27.36 4.31 -8.57
N THR A 38 -27.91 3.10 -8.55
CA THR A 38 -29.22 2.87 -9.16
C THR A 38 -30.36 3.60 -8.43
N GLN A 39 -30.09 4.13 -7.25
CA GLN A 39 -31.14 4.83 -6.52
C GLN A 39 -30.90 6.34 -6.48
N ALA A 40 -30.04 6.83 -7.34
CA ALA A 40 -29.78 8.27 -7.34
C ALA A 40 -31.07 9.04 -7.68
N VAL A 41 -31.29 10.13 -6.95
CA VAL A 41 -32.43 11.00 -7.18
C VAL A 41 -31.88 12.41 -7.08
N VAL A 42 -32.05 13.23 -8.12
CA VAL A 42 -31.52 14.57 -8.08
C VAL A 42 -32.45 15.53 -8.76
N ASN A 43 -32.47 16.75 -8.27
CA ASN A 43 -33.26 17.82 -8.88
C ASN A 43 -32.34 18.81 -9.63
N ASP A 44 -33.01 19.67 -10.41
CA ASP A 44 -32.54 20.91 -11.07
C ASP A 44 -33.78 21.50 -10.36
N ASN A 45 -34.44 22.61 -10.71
CA ASN A 45 -35.68 22.65 -9.96
C ASN A 45 -36.98 22.91 -10.63
N GLY A 46 -37.89 22.18 -9.99
CA GLY A 46 -39.20 22.00 -10.56
C GLY A 46 -39.17 20.56 -11.17
N SER A 47 -38.00 19.95 -11.45
CA SER A 47 -37.99 18.58 -12.02
C SER A 47 -36.94 17.65 -11.34
N THR A 48 -37.18 16.35 -11.43
CA THR A 48 -36.32 15.35 -10.78
C THR A 48 -35.81 14.27 -11.72
N GLU A 49 -34.58 13.84 -11.48
CA GLU A 49 -33.91 12.81 -12.31
C GLU A 49 -33.62 11.56 -11.51
N TYR A 50 -33.90 10.42 -12.15
CA TYR A 50 -33.81 9.12 -11.50
C TYR A 50 -32.89 8.04 -11.98
N GLY A 51 -32.32 7.33 -11.02
CA GLY A 51 -31.49 6.19 -11.31
C GLY A 51 -30.13 6.37 -11.96
N LEU A 52 -29.61 5.23 -12.38
CA LEU A 52 -28.30 5.15 -13.01
C LEU A 52 -28.13 6.16 -14.16
N PHE A 53 -29.17 6.26 -14.99
CA PHE A 53 -29.19 7.16 -16.15
C PHE A 53 -29.69 8.56 -15.90
N GLN A 54 -30.18 8.80 -14.68
CA GLN A 54 -30.72 10.09 -14.30
C GLN A 54 -31.77 10.54 -15.30
N ILE A 55 -32.76 9.69 -15.47
CA ILE A 55 -33.89 9.93 -16.33
C ILE A 55 -34.85 10.89 -15.63
N SER A 56 -35.17 11.98 -16.30
CA SER A 56 -35.99 13.04 -15.73
C SER A 56 -37.51 12.88 -15.81
N ASP A 57 -38.22 13.32 -14.77
CA ASP A 57 -39.68 13.26 -14.84
C ASP A 57 -40.27 14.42 -15.68
N ARG A 58 -39.42 15.34 -16.13
CA ARG A 58 -39.93 16.45 -16.93
C ARG A 58 -40.60 15.93 -18.20
N PHE A 59 -39.92 15.07 -18.96
CA PHE A 59 -40.54 14.54 -20.18
C PHE A 59 -40.56 13.02 -20.30
N TRP A 60 -39.71 12.34 -19.54
CA TRP A 60 -39.51 10.91 -19.74
C TRP A 60 -40.20 9.83 -18.92
N CYS A 61 -40.32 10.03 -17.62
CA CYS A 61 -40.99 9.02 -16.80
C CYS A 61 -42.04 9.78 -16.03
N LYS A 62 -43.02 9.04 -15.51
CA LYS A 62 -44.09 9.64 -14.76
C LYS A 62 -43.81 9.51 -13.25
N SER A 63 -43.85 10.64 -12.55
CA SER A 63 -43.63 10.69 -11.12
C SER A 63 -44.89 11.22 -10.45
N SER A 64 -45.06 10.90 -9.18
CA SER A 64 -46.24 11.40 -8.45
C SER A 64 -46.21 12.92 -8.33
N GLU A 65 -45.01 13.49 -8.27
CA GLU A 65 -44.83 14.95 -8.18
C GLU A 65 -45.27 15.67 -9.47
N PHE A 66 -45.26 14.97 -10.60
CA PHE A 66 -45.64 15.57 -11.88
C PHE A 66 -46.31 14.51 -12.78
N PRO A 67 -47.53 14.08 -12.41
CA PRO A 67 -48.35 13.07 -13.12
C PRO A 67 -48.78 13.46 -14.53
N GLU A 68 -48.71 14.76 -14.82
CA GLU A 68 -49.10 15.26 -16.12
C GLU A 68 -47.97 15.09 -17.16
N SER A 69 -46.79 14.68 -16.70
CA SER A 69 -45.62 14.47 -17.57
C SER A 69 -45.96 13.82 -18.90
N GLU A 70 -45.17 14.15 -19.90
CA GLU A 70 -45.34 13.56 -21.20
C GLU A 70 -45.12 12.04 -21.01
N ASN A 71 -44.21 11.64 -20.11
CA ASN A 71 -43.96 10.21 -19.84
C ASN A 71 -43.64 9.45 -21.13
N ILE A 72 -42.75 10.03 -21.92
CA ILE A 72 -42.35 9.41 -23.20
C ILE A 72 -41.87 7.97 -23.05
N CYS A 73 -41.23 7.62 -21.94
CA CYS A 73 -40.81 6.24 -21.78
C CYS A 73 -41.97 5.32 -21.35
N GLY A 74 -43.10 5.90 -20.97
CA GLY A 74 -44.24 5.10 -20.56
C GLY A 74 -43.94 4.32 -19.29
N ILE A 75 -43.37 4.99 -18.30
CA ILE A 75 -42.98 4.27 -17.09
C ILE A 75 -42.98 5.13 -15.83
N SER A 76 -43.24 4.50 -14.67
CA SER A 76 -43.20 5.22 -13.41
C SER A 76 -41.74 5.48 -13.11
N CYS A 77 -41.40 6.67 -12.67
CA CYS A 77 -40.01 6.92 -12.35
C CYS A 77 -39.48 5.98 -11.25
N ASP A 78 -40.36 5.39 -10.44
CA ASP A 78 -39.85 4.47 -9.39
C ASP A 78 -39.24 3.20 -9.97
N LYS A 79 -39.66 2.83 -11.18
CA LYS A 79 -39.09 1.66 -11.83
C LYS A 79 -37.63 1.92 -12.23
N LEU A 80 -37.19 3.18 -12.07
CA LEU A 80 -35.85 3.56 -12.44
C LEU A 80 -34.97 3.65 -11.20
N LEU A 81 -35.50 3.21 -10.07
CA LEU A 81 -34.75 3.26 -8.82
C LEU A 81 -34.47 1.90 -8.24
N ASP A 82 -34.43 0.86 -9.06
CA ASP A 82 -34.14 -0.47 -8.54
C ASP A 82 -32.95 -1.03 -9.30
N ASP A 83 -32.62 -2.29 -9.05
CA ASP A 83 -31.46 -2.94 -9.65
C ASP A 83 -31.68 -3.73 -10.93
N GLU A 84 -32.81 -3.53 -11.57
CA GLU A 84 -33.16 -4.21 -12.80
C GLU A 84 -33.08 -3.09 -13.81
N LEU A 85 -32.02 -3.13 -14.61
CA LEU A 85 -31.75 -2.05 -15.53
C LEU A 85 -32.37 -2.17 -16.90
N ASP A 86 -33.06 -3.27 -17.18
CA ASP A 86 -33.67 -3.44 -18.49
C ASP A 86 -34.62 -2.30 -18.83
N ASP A 87 -35.54 -1.92 -17.92
CA ASP A 87 -36.41 -0.81 -18.27
C ASP A 87 -35.66 0.54 -18.31
N ASP A 88 -34.64 0.74 -17.45
CA ASP A 88 -33.87 2.01 -17.52
C ASP A 88 -33.19 2.12 -18.89
N ILE A 89 -32.66 1.01 -19.37
CA ILE A 89 -31.96 0.96 -20.65
C ILE A 89 -32.90 1.27 -21.81
N ALA A 90 -34.09 0.66 -21.82
CA ALA A 90 -35.04 0.92 -22.89
C ALA A 90 -35.40 2.41 -22.92
N CYS A 91 -35.55 3.02 -21.74
CA CYS A 91 -35.88 4.45 -21.67
C CYS A 91 -34.72 5.32 -22.19
N ALA A 92 -33.51 4.97 -21.78
CA ALA A 92 -32.31 5.69 -22.20
C ALA A 92 -32.19 5.61 -23.73
N LYS A 93 -32.50 4.44 -24.30
CA LYS A 93 -32.42 4.30 -25.75
C LYS A 93 -33.39 5.28 -26.41
N LYS A 94 -34.58 5.45 -25.83
CA LYS A 94 -35.55 6.39 -26.38
C LYS A 94 -35.01 7.81 -26.37
N ILE A 95 -34.39 8.18 -25.25
CA ILE A 95 -33.80 9.49 -25.10
C ILE A 95 -32.72 9.63 -26.16
N LEU A 96 -31.86 8.62 -26.27
CA LEU A 96 -30.82 8.64 -27.28
C LEU A 96 -31.41 8.82 -28.68
N ALA A 97 -32.46 8.07 -29.01
CA ALA A 97 -33.04 8.15 -30.34
C ALA A 97 -33.73 9.46 -30.61
N ILE A 98 -34.38 9.99 -29.58
CA ILE A 98 -35.14 11.22 -29.71
C ILE A 98 -34.35 12.50 -29.51
N LYS A 99 -33.64 12.60 -28.39
CA LYS A 99 -32.88 13.79 -28.08
C LYS A 99 -31.40 13.64 -28.35
N GLY A 100 -30.85 12.47 -28.08
CA GLY A 100 -29.44 12.29 -28.35
C GLY A 100 -28.57 12.34 -27.11
N ILE A 101 -27.29 11.97 -27.26
CA ILE A 101 -26.37 11.92 -26.13
C ILE A 101 -26.28 13.21 -25.33
N ASP A 102 -26.62 14.33 -25.96
CA ASP A 102 -26.55 15.64 -25.29
C ASP A 102 -27.44 15.74 -24.05
N TYR A 103 -28.44 14.85 -23.94
CA TYR A 103 -29.28 14.82 -22.74
C TYR A 103 -28.32 14.64 -21.55
N TRP A 104 -27.31 13.82 -21.72
CA TRP A 104 -26.35 13.62 -20.63
C TRP A 104 -25.24 14.66 -20.74
N LYS A 105 -25.36 15.72 -19.93
CA LYS A 105 -24.41 16.82 -19.91
C LYS A 105 -22.97 16.48 -19.51
N ALA A 106 -22.74 15.35 -18.87
CA ALA A 106 -21.37 15.00 -18.50
C ALA A 106 -20.53 14.46 -19.66
N TYR A 107 -21.20 13.93 -20.68
CA TYR A 107 -20.52 13.32 -21.83
C TYR A 107 -19.41 14.20 -22.43
N LYS A 108 -19.78 15.34 -22.98
CA LYS A 108 -18.82 16.23 -23.61
C LYS A 108 -17.64 16.63 -22.72
N PRO A 109 -17.91 17.28 -21.58
CA PRO A 109 -16.81 17.69 -20.71
C PRO A 109 -15.98 16.61 -20.04
N MET A 110 -16.59 15.47 -19.73
CA MET A 110 -15.89 14.41 -19.04
C MET A 110 -15.53 13.16 -19.84
N CYS A 111 -16.21 12.96 -20.97
CA CYS A 111 -16.01 11.73 -21.71
C CYS A 111 -15.64 11.92 -23.17
N SER A 112 -14.76 12.89 -23.42
CA SER A 112 -14.30 13.15 -24.76
C SER A 112 -12.89 12.65 -24.94
N GLU A 113 -12.24 12.29 -23.84
CA GLU A 113 -10.87 11.78 -23.89
C GLU A 113 -10.62 10.77 -22.80
N LYS A 114 -9.44 10.17 -22.83
CA LYS A 114 -9.04 9.19 -21.83
C LYS A 114 -10.16 8.18 -21.58
N LEU A 115 -10.66 7.60 -22.67
CA LEU A 115 -11.76 6.63 -22.57
C LEU A 115 -11.32 5.24 -22.18
N GLU A 116 -10.05 4.94 -22.40
CA GLU A 116 -9.51 3.62 -22.12
C GLU A 116 -9.60 3.20 -20.67
N GLN A 117 -9.57 4.18 -19.76
CA GLN A 117 -9.64 3.87 -18.35
C GLN A 117 -11.00 3.29 -18.02
N TRP A 118 -12.00 3.54 -18.89
CA TRP A 118 -13.34 3.03 -18.62
C TRP A 118 -13.58 1.59 -19.06
N ARG A 119 -12.56 0.94 -19.60
CA ARG A 119 -12.74 -0.41 -20.07
C ARG A 119 -12.93 -1.44 -18.97
N CYS A 120 -13.82 -2.41 -19.18
CA CYS A 120 -14.01 -3.50 -18.22
C CYS A 120 -13.38 -4.72 -18.88
N GLU A 121 -12.42 -5.33 -18.18
CA GLU A 121 -11.67 -6.49 -18.68
C GLU A 121 -12.15 -7.79 -18.06
N LYS A 122 -13.19 -7.72 -17.23
CA LYS A 122 -13.72 -8.93 -16.60
C LYS A 122 -14.69 -9.63 -17.55
N PRO A 123 -14.39 -10.90 -17.92
CA PRO A 123 -15.27 -11.65 -18.82
C PRO A 123 -16.66 -11.86 -18.21
N LEU B 15 20.57 24.13 14.16
CA LEU B 15 19.89 22.91 13.62
C LEU B 15 19.88 22.89 12.10
N THR B 16 19.79 21.67 11.56
CA THR B 16 19.83 21.46 10.12
C THR B 16 18.52 21.00 9.47
N ALA B 17 18.48 21.07 8.14
CA ALA B 17 17.30 20.68 7.37
C ALA B 17 16.83 19.26 7.68
N CYS B 18 15.51 19.10 7.76
CA CYS B 18 14.92 17.79 8.03
C CYS B 18 15.25 16.84 6.89
N PRO B 19 15.31 15.53 7.18
CA PRO B 19 15.62 14.56 6.12
C PRO B 19 14.52 14.52 5.08
N GLU B 20 14.87 14.12 3.87
CA GLU B 20 13.91 14.04 2.77
C GLU B 20 12.70 13.19 3.20
N GLU B 21 12.96 12.10 3.92
CA GLU B 21 11.89 11.25 4.42
C GLU B 21 12.01 11.25 5.94
N SER B 22 10.88 11.35 6.62
CA SER B 22 10.89 11.38 8.07
C SER B 22 11.17 10.06 8.74
N PRO B 23 12.08 10.05 9.71
CA PRO B 23 12.38 8.80 10.39
C PRO B 23 11.24 8.38 11.36
N LEU B 24 10.33 9.29 11.66
CA LEU B 24 9.22 9.02 12.58
C LEU B 24 8.02 8.32 11.95
N LEU B 25 8.01 8.20 10.63
CA LEU B 25 6.91 7.55 9.92
C LEU B 25 6.65 6.12 10.40
N VAL B 26 5.37 5.75 10.48
CA VAL B 26 5.01 4.39 10.92
C VAL B 26 4.31 3.56 9.82
N GLY B 27 4.02 4.18 8.68
CA GLY B 27 3.35 3.45 7.63
C GLY B 27 1.86 3.32 7.88
N PRO B 28 1.21 2.24 7.44
CA PRO B 28 -0.23 2.00 7.62
C PRO B 28 -0.76 2.18 9.04
N MET B 29 -1.96 2.72 9.15
CA MET B 29 -2.55 2.98 10.45
C MET B 29 -4.00 2.54 10.43
N LEU B 30 -4.49 2.18 11.61
CA LEU B 30 -5.87 1.74 11.76
C LEU B 30 -6.67 3.03 12.04
N ILE B 31 -7.60 3.34 11.14
CA ILE B 31 -8.40 4.54 11.28
C ILE B 31 -9.85 4.21 11.53
N GLU B 32 -10.33 4.48 12.73
CA GLU B 32 -11.72 4.20 13.07
C GLU B 32 -12.40 5.34 13.83
N PHE B 33 -13.70 5.44 13.62
CA PHE B 33 -14.49 6.48 14.23
C PHE B 33 -15.50 5.86 15.19
N ASN B 34 -14.96 5.10 16.13
CA ASN B 34 -15.77 4.44 17.13
C ASN B 34 -15.75 5.25 18.42
N ILE B 35 -14.63 5.23 19.11
CA ILE B 35 -14.50 5.97 20.35
C ILE B 35 -14.70 7.47 20.08
N PRO B 36 -15.54 8.14 20.89
CA PRO B 36 -15.76 9.56 20.71
C PRO B 36 -14.46 10.32 20.98
N VAL B 37 -14.32 11.49 20.38
CA VAL B 37 -13.10 12.27 20.56
C VAL B 37 -13.29 13.40 21.55
N ASP B 38 -12.25 13.67 22.32
CA ASP B 38 -12.26 14.75 23.30
C ASP B 38 -11.14 15.68 22.89
N LEU B 39 -11.49 16.81 22.28
CA LEU B 39 -10.46 17.73 21.83
C LEU B 39 -9.46 18.07 22.91
N LYS B 40 -9.91 18.02 24.16
CA LYS B 40 -9.04 18.32 25.29
C LYS B 40 -7.97 17.24 25.38
N LEU B 41 -8.35 15.97 25.27
CA LEU B 41 -7.33 14.94 25.31
C LEU B 41 -6.41 15.16 24.09
N VAL B 42 -7.00 15.46 22.94
CA VAL B 42 -6.22 15.69 21.73
C VAL B 42 -5.15 16.74 21.99
N GLU B 43 -5.52 17.83 22.67
CA GLU B 43 -4.52 18.85 22.99
C GLU B 43 -3.42 18.29 23.86
N GLN B 44 -3.82 17.51 24.87
CA GLN B 44 -2.87 16.88 25.80
C GLN B 44 -1.89 16.01 25.06
N GLN B 45 -2.42 15.25 24.10
CA GLN B 45 -1.62 14.34 23.30
C GLN B 45 -0.78 15.04 22.24
N ASN B 46 -0.93 16.36 22.11
CA ASN B 46 -0.18 17.11 21.12
C ASN B 46 0.37 18.39 21.69
N PRO B 47 1.05 18.30 22.83
CA PRO B 47 1.65 19.47 23.49
C PRO B 47 2.42 20.47 22.63
N LYS B 48 3.00 20.01 21.51
CA LYS B 48 3.79 20.90 20.65
C LYS B 48 3.02 21.79 19.67
N VAL B 49 1.73 21.54 19.50
CA VAL B 49 0.95 22.37 18.59
C VAL B 49 0.61 23.68 19.30
N LYS B 50 0.87 24.79 18.63
CA LYS B 50 0.62 26.09 19.22
C LYS B 50 -0.75 26.67 18.89
N LEU B 51 -1.13 27.67 19.68
CA LEU B 51 -2.41 28.33 19.52
C LEU B 51 -2.68 28.62 18.06
N GLY B 52 -3.84 28.17 17.58
CA GLY B 52 -4.20 28.36 16.18
C GLY B 52 -3.88 27.14 15.35
N GLY B 53 -3.45 26.06 16.02
CA GLY B 53 -3.09 24.85 15.32
C GLY B 53 -1.83 25.00 14.48
N ARG B 54 -0.80 25.62 15.06
CA ARG B 54 0.50 25.82 14.38
C ARG B 54 1.54 24.90 14.98
N TYR B 55 2.36 24.29 14.14
CA TYR B 55 3.43 23.41 14.62
C TYR B 55 4.66 23.58 13.76
N THR B 56 5.83 23.67 14.39
CA THR B 56 7.08 23.81 13.67
C THR B 56 8.08 22.88 14.32
N PRO B 57 8.72 22.00 13.53
CA PRO B 57 9.70 21.05 14.08
C PRO B 57 10.76 21.74 14.93
N MET B 58 11.10 21.15 16.07
CA MET B 58 12.13 21.74 16.91
C MET B 58 13.46 21.04 16.60
N ASP B 59 13.36 19.86 16.02
CA ASP B 59 14.51 19.03 15.66
C ASP B 59 15.33 19.51 14.47
N CYS B 60 14.62 19.85 13.40
CA CYS B 60 15.24 20.27 12.15
C CYS B 60 14.47 21.39 11.47
N ILE B 61 14.98 21.85 10.34
CA ILE B 61 14.28 22.90 9.62
C ILE B 61 13.57 22.31 8.40
N SER B 62 12.25 22.49 8.38
CA SER B 62 11.43 21.98 7.29
C SER B 62 11.28 23.03 6.21
N PRO B 63 11.41 22.63 4.95
CA PRO B 63 11.26 23.57 3.85
C PRO B 63 9.77 23.67 3.46
N HIS B 64 8.95 22.82 4.06
CA HIS B 64 7.52 22.82 3.77
C HIS B 64 6.71 23.65 4.76
N LYS B 65 6.29 24.84 4.33
CA LYS B 65 5.51 25.73 5.17
C LYS B 65 4.10 25.57 4.63
N VAL B 66 3.38 24.66 5.27
CA VAL B 66 2.06 24.24 4.84
C VAL B 66 0.84 24.77 5.59
N ALA B 67 -0.09 25.38 4.85
CA ALA B 67 -1.34 25.85 5.39
C ALA B 67 -2.34 24.77 4.93
N ILE B 68 -2.98 24.06 5.87
CA ILE B 68 -3.93 23.01 5.53
C ILE B 68 -5.29 23.66 5.66
N ILE B 69 -5.98 23.75 4.53
CA ILE B 69 -7.27 24.43 4.40
C ILE B 69 -8.47 23.49 4.32
N ILE B 70 -9.42 23.63 5.25
CA ILE B 70 -10.61 22.75 5.27
C ILE B 70 -11.92 23.54 5.08
N PRO B 71 -12.68 23.24 4.01
CA PRO B 71 -13.95 23.94 3.78
C PRO B 71 -14.85 23.36 4.81
N PHE B 72 -15.73 24.19 5.40
CA PHE B 72 -16.52 23.68 6.52
C PHE B 72 -17.84 24.39 6.77
N ARG B 73 -18.77 23.61 7.29
CA ARG B 73 -20.06 24.12 7.71
C ARG B 73 -20.78 22.99 8.38
N ASN B 74 -21.07 23.17 9.68
CA ASN B 74 -21.80 22.18 10.45
C ASN B 74 -21.21 20.77 10.42
N ARG B 75 -19.89 20.67 10.52
CA ARG B 75 -19.24 19.37 10.50
C ARG B 75 -18.29 19.28 11.66
N GLN B 76 -18.69 19.82 12.81
CA GLN B 76 -17.82 19.81 13.98
C GLN B 76 -17.43 18.41 14.41
N GLU B 77 -18.37 17.47 14.32
CA GLU B 77 -18.06 16.10 14.72
C GLU B 77 -16.97 15.50 13.84
N HIS B 78 -17.01 15.78 12.54
CA HIS B 78 -15.98 15.29 11.63
C HIS B 78 -14.63 15.94 11.92
N LEU B 79 -14.64 17.25 12.20
CA LEU B 79 -13.41 17.97 12.51
C LEU B 79 -12.70 17.34 13.70
N LYS B 80 -13.47 16.98 14.72
CA LYS B 80 -12.87 16.36 15.91
C LYS B 80 -12.02 15.14 15.48
N TYR B 81 -12.60 14.25 14.68
CA TYR B 81 -11.87 13.07 14.24
C TYR B 81 -10.70 13.44 13.36
N TRP B 82 -10.90 14.43 12.51
CA TRP B 82 -9.87 14.91 11.59
C TRP B 82 -8.64 15.34 12.39
N LEU B 83 -8.89 16.21 13.38
CA LEU B 83 -7.83 16.72 14.23
C LEU B 83 -7.22 15.59 15.04
N TYR B 84 -8.06 14.72 15.59
CA TYR B 84 -7.54 13.62 16.40
C TYR B 84 -6.47 12.80 15.66
N TYR B 85 -6.73 12.50 14.40
CA TYR B 85 -5.79 11.70 13.58
C TYR B 85 -4.69 12.51 12.87
N LEU B 86 -5.06 13.61 12.23
CA LEU B 86 -4.06 14.37 11.48
C LEU B 86 -2.97 15.06 12.26
N HIS B 87 -3.27 15.61 13.42
CA HIS B 87 -2.19 16.29 14.12
C HIS B 87 -1.02 15.36 14.40
N PRO B 88 -1.29 14.16 14.92
CA PRO B 88 -0.14 13.28 15.15
C PRO B 88 0.62 13.00 13.84
N ILE B 89 -0.14 12.73 12.78
CA ILE B 89 0.44 12.43 11.48
C ILE B 89 1.32 13.54 10.89
N LEU B 90 0.83 14.77 10.92
CA LEU B 90 1.54 15.89 10.35
C LEU B 90 2.83 16.21 11.07
N GLN B 91 2.84 15.97 12.38
CA GLN B 91 4.03 16.22 13.17
C GLN B 91 5.05 15.13 12.78
N ARG B 92 4.56 13.92 12.60
CA ARG B 92 5.45 12.85 12.21
C ARG B 92 6.02 13.14 10.80
N GLN B 93 5.25 13.83 9.95
CA GLN B 93 5.75 14.17 8.63
C GLN B 93 6.74 15.35 8.64
N GLN B 94 7.01 15.88 9.84
CA GLN B 94 7.94 16.99 10.05
C GLN B 94 7.64 18.24 9.23
N LEU B 95 6.36 18.60 9.20
CA LEU B 95 5.89 19.78 8.49
C LEU B 95 5.76 21.03 9.40
N ASP B 96 6.06 22.20 8.84
CA ASP B 96 5.92 23.46 9.59
C ASP B 96 4.52 23.86 9.13
N TYR B 97 3.51 23.45 9.88
CA TYR B 97 2.15 23.70 9.41
C TYR B 97 1.16 24.48 10.26
N GLY B 98 0.05 24.82 9.63
CA GLY B 98 -1.02 25.55 10.29
C GLY B 98 -2.32 25.02 9.77
N ILE B 99 -3.30 24.81 10.66
CA ILE B 99 -4.61 24.30 10.27
C ILE B 99 -5.63 25.45 10.14
N TYR B 100 -6.36 25.48 9.03
CA TYR B 100 -7.36 26.51 8.82
C TYR B 100 -8.69 25.93 8.39
N VAL B 101 -9.71 26.18 9.19
CA VAL B 101 -11.07 25.72 8.93
C VAL B 101 -11.86 26.96 8.49
N ILE B 102 -12.27 26.99 7.23
CA ILE B 102 -13.02 28.11 6.68
C ILE B 102 -14.49 27.78 6.75
N ASN B 103 -15.15 28.41 7.70
CA ASN B 103 -16.54 28.17 7.97
C ASN B 103 -17.46 29.12 7.22
N GLN B 104 -18.35 28.54 6.42
CA GLN B 104 -19.28 29.34 5.67
C GLN B 104 -20.48 29.73 6.52
N ALA B 105 -20.62 31.02 6.78
CA ALA B 105 -21.74 31.55 7.55
C ALA B 105 -22.98 31.50 6.69
N GLY B 106 -24.15 31.58 7.34
CA GLY B 106 -25.39 31.60 6.61
C GLY B 106 -25.85 30.23 6.20
N GLU B 107 -26.89 30.20 5.35
CA GLU B 107 -27.43 28.92 4.90
C GLU B 107 -27.72 28.86 3.41
N SER B 108 -26.93 29.57 2.63
CA SER B 108 -27.05 29.54 1.18
C SER B 108 -26.35 28.26 0.71
N MET B 109 -26.33 28.03 -0.60
CA MET B 109 -25.66 26.86 -1.16
C MET B 109 -24.19 26.87 -0.75
N PHE B 110 -23.64 25.71 -0.43
CA PHE B 110 -22.23 25.59 -0.02
C PHE B 110 -21.34 25.86 -1.24
N ASN B 111 -20.23 26.53 -0.99
CA ASN B 111 -19.29 26.84 -2.05
C ASN B 111 -17.90 26.46 -1.59
N ARG B 112 -17.61 25.18 -1.77
CA ARG B 112 -16.34 24.65 -1.39
C ARG B 112 -15.12 25.37 -1.94
N ALA B 113 -15.08 25.53 -3.26
CA ALA B 113 -13.90 26.16 -3.91
C ALA B 113 -13.69 27.59 -3.47
N LYS B 114 -14.78 28.33 -3.29
CA LYS B 114 -14.64 29.73 -2.89
C LYS B 114 -14.04 29.80 -1.46
N LEU B 115 -14.43 28.86 -0.60
CA LEU B 115 -13.95 28.82 0.77
C LEU B 115 -12.47 28.45 0.74
N LEU B 116 -12.09 27.58 -0.18
CA LEU B 116 -10.67 27.24 -0.28
C LEU B 116 -9.86 28.48 -0.67
N ASN B 117 -10.39 29.32 -1.54
CA ASN B 117 -9.68 30.58 -1.94
C ASN B 117 -9.54 31.52 -0.74
N VAL B 118 -10.61 31.60 0.06
CA VAL B 118 -10.57 32.43 1.26
C VAL B 118 -9.44 31.92 2.15
N GLY B 119 -9.35 30.60 2.28
CA GLY B 119 -8.32 30.02 3.13
C GLY B 119 -6.92 30.40 2.68
N PHE B 120 -6.73 30.36 1.38
CA PHE B 120 -5.45 30.72 0.80
C PHE B 120 -5.08 32.16 1.21
N LYS B 121 -5.98 33.11 0.97
CA LYS B 121 -5.67 34.50 1.31
C LYS B 121 -5.52 34.74 2.80
N GLU B 122 -6.43 34.20 3.59
CA GLU B 122 -6.37 34.37 5.03
C GLU B 122 -5.13 33.72 5.64
N ALA B 123 -4.75 32.52 5.20
CA ALA B 123 -3.57 31.86 5.76
C ALA B 123 -2.33 32.68 5.52
N LEU B 124 -2.24 33.34 4.37
CA LEU B 124 -1.08 34.15 4.04
C LEU B 124 -0.92 35.37 4.94
N LYS B 125 -1.98 35.76 5.65
CA LYS B 125 -1.88 36.89 6.57
C LYS B 125 -1.04 36.47 7.79
N ASP B 126 -1.17 35.20 8.19
CA ASP B 126 -0.44 34.66 9.33
C ASP B 126 1.01 34.28 9.11
N TYR B 127 1.34 33.81 7.92
CA TYR B 127 2.68 33.30 7.71
C TYR B 127 3.08 33.18 6.25
N ASP B 128 4.38 33.06 6.07
CA ASP B 128 4.97 32.96 4.75
C ASP B 128 4.79 31.55 4.14
N TYR B 129 3.57 30.99 4.17
CA TYR B 129 3.32 29.64 3.62
C TYR B 129 3.72 29.50 2.17
N ASN B 130 4.30 28.36 1.79
CA ASN B 130 4.65 28.18 0.38
C ASN B 130 3.93 26.95 -0.18
N CYS B 131 3.09 26.34 0.66
CA CYS B 131 2.37 25.14 0.26
C CYS B 131 0.96 25.15 0.86
N PHE B 132 -0.02 24.77 0.05
CA PHE B 132 -1.39 24.76 0.50
C PHE B 132 -2.05 23.42 0.28
N VAL B 133 -2.48 22.79 1.37
CA VAL B 133 -3.17 21.51 1.27
C VAL B 133 -4.64 21.85 1.45
N PHE B 134 -5.47 21.33 0.56
CA PHE B 134 -6.90 21.57 0.64
C PHE B 134 -7.50 20.20 0.94
N SER B 135 -8.23 20.10 2.05
CA SER B 135 -8.80 18.83 2.48
C SER B 135 -10.25 18.82 2.96
N ASP B 136 -11.01 17.82 2.52
CA ASP B 136 -12.37 17.65 3.00
C ASP B 136 -12.19 17.35 4.48
N VAL B 137 -13.16 17.77 5.29
CA VAL B 137 -13.10 17.57 6.75
C VAL B 137 -13.29 16.11 7.20
N ASP B 138 -13.75 15.26 6.28
CA ASP B 138 -14.03 13.86 6.57
C ASP B 138 -13.12 12.80 5.91
N LEU B 139 -11.94 13.20 5.45
CA LEU B 139 -11.00 12.23 4.85
C LEU B 139 -9.75 12.21 5.70
N ILE B 140 -9.32 11.02 6.11
CA ILE B 140 -8.14 10.79 6.97
C ILE B 140 -7.16 9.87 6.21
N PRO B 141 -5.90 10.24 6.08
CA PRO B 141 -5.05 9.30 5.34
C PRO B 141 -4.73 8.09 6.22
N MET B 142 -4.62 6.93 5.58
CA MET B 142 -4.33 5.72 6.32
C MET B 142 -2.86 5.33 6.35
N ASN B 143 -2.00 6.12 5.71
CA ASN B 143 -0.58 5.79 5.70
C ASN B 143 0.20 7.10 5.79
N ASP B 144 1.04 7.24 6.80
CA ASP B 144 1.74 8.51 6.95
C ASP B 144 2.83 8.76 5.94
N HIS B 145 2.99 7.84 4.99
CA HIS B 145 3.97 8.02 3.93
C HIS B 145 3.35 8.93 2.87
N ASN B 146 2.04 9.14 2.99
CA ASN B 146 1.32 10.01 2.07
C ASN B 146 1.51 11.41 2.64
N THR B 147 2.63 12.04 2.31
CA THR B 147 2.95 13.33 2.87
C THR B 147 2.02 14.48 2.48
N TYR B 148 1.50 15.16 3.49
CA TYR B 148 0.63 16.31 3.25
C TYR B 148 1.48 17.54 2.96
N ARG B 149 2.11 17.56 1.79
CA ARG B 149 2.88 18.72 1.40
C ARG B 149 2.89 18.89 -0.12
N CYS B 150 3.59 19.92 -0.59
CA CYS B 150 3.63 20.19 -2.01
C CYS B 150 4.79 19.57 -2.76
N PHE B 151 4.56 19.33 -4.05
CA PHE B 151 5.54 18.70 -4.91
C PHE B 151 5.79 19.57 -6.12
N SER B 152 6.63 19.08 -7.05
CA SER B 152 6.98 19.82 -8.24
C SER B 152 5.76 20.05 -9.12
N GLN B 153 4.79 19.17 -8.99
CA GLN B 153 3.55 19.32 -9.75
C GLN B 153 2.38 19.27 -8.75
N PRO B 154 1.21 19.83 -9.11
CA PRO B 154 0.05 19.78 -8.19
C PRO B 154 -0.05 18.32 -7.73
N ARG B 155 -0.33 18.15 -6.44
CA ARG B 155 -0.42 16.85 -5.82
C ARG B 155 -1.86 16.41 -5.44
N HIS B 156 -2.30 15.26 -5.94
CA HIS B 156 -3.60 14.73 -5.55
C HIS B 156 -3.25 13.71 -4.46
N ILE B 157 -3.78 13.95 -3.26
CA ILE B 157 -3.49 13.16 -2.09
C ILE B 157 -4.39 12.00 -1.74
N SER B 158 -5.69 12.19 -1.79
CA SER B 158 -6.63 11.13 -1.44
C SER B 158 -6.86 10.30 -2.68
N VAL B 159 -5.85 9.54 -3.07
CA VAL B 159 -5.95 8.77 -4.31
C VAL B 159 -6.73 7.47 -4.18
N ALA B 160 -6.73 6.86 -3.00
CA ALA B 160 -7.43 5.59 -2.82
C ALA B 160 -8.44 5.64 -1.67
N MET B 161 -9.61 6.18 -1.94
CA MET B 161 -10.66 6.32 -0.93
C MET B 161 -11.51 5.08 -0.76
N ASP B 162 -11.65 4.63 0.48
CA ASP B 162 -12.45 3.45 0.74
C ASP B 162 -13.87 3.58 0.18
N LYS B 163 -14.36 4.80 0.00
CA LYS B 163 -15.70 4.95 -0.53
C LYS B 163 -15.75 4.72 -2.04
N PHE B 164 -14.57 4.60 -2.64
CA PHE B 164 -14.49 4.35 -4.07
C PHE B 164 -13.79 3.02 -4.28
N GLY B 165 -13.83 2.17 -3.25
CA GLY B 165 -13.21 0.87 -3.37
C GLY B 165 -11.70 0.93 -3.31
N PHE B 166 -11.17 1.99 -2.73
CA PHE B 166 -9.73 2.14 -2.62
C PHE B 166 -9.09 2.23 -3.99
N SER B 167 -9.83 2.81 -4.93
CA SER B 167 -9.35 3.02 -6.29
C SER B 167 -9.83 4.39 -6.77
N LEU B 168 -8.92 5.08 -7.48
CA LEU B 168 -9.20 6.38 -8.05
C LEU B 168 -10.38 6.22 -9.01
N PRO B 169 -11.43 7.02 -8.83
CA PRO B 169 -12.61 6.92 -9.71
C PRO B 169 -12.35 7.19 -11.19
N TYR B 170 -11.50 8.16 -11.48
CA TYR B 170 -11.12 8.47 -12.85
C TYR B 170 -9.79 9.22 -12.83
N VAL B 171 -8.99 9.08 -13.90
CA VAL B 171 -7.66 9.67 -13.90
C VAL B 171 -7.60 11.19 -13.75
N GLN B 172 -8.65 11.89 -14.15
CA GLN B 172 -8.66 13.35 -14.03
C GLN B 172 -9.25 13.78 -12.69
N TYR B 173 -9.43 12.85 -11.78
CA TYR B 173 -10.06 13.19 -10.50
C TYR B 173 -9.15 13.97 -9.56
N PHE B 174 -9.63 15.11 -9.07
CA PHE B 174 -8.82 15.94 -8.18
C PHE B 174 -9.56 16.32 -6.89
N GLY B 175 -10.54 15.51 -6.49
CA GLY B 175 -11.29 15.83 -5.29
C GLY B 175 -10.78 15.19 -4.01
N GLY B 176 -11.36 15.59 -2.89
CA GLY B 176 -10.94 15.02 -1.62
C GLY B 176 -9.87 15.84 -0.91
N VAL B 177 -8.62 15.47 -1.14
CA VAL B 177 -7.45 16.11 -0.53
C VAL B 177 -6.42 16.35 -1.62
N SER B 178 -5.95 17.59 -1.72
CA SER B 178 -4.94 17.92 -2.72
C SER B 178 -4.04 19.00 -2.18
N ALA B 179 -2.89 19.19 -2.82
CA ALA B 179 -1.94 20.20 -2.39
C ALA B 179 -1.34 20.97 -3.56
N LEU B 180 -1.38 22.30 -3.49
CA LEU B 180 -0.76 23.12 -4.53
C LEU B 180 0.25 24.04 -3.89
N SER B 181 1.45 24.13 -4.46
CA SER B 181 2.44 25.07 -3.94
C SER B 181 1.83 26.44 -4.18
N LYS B 182 2.39 27.46 -3.53
CA LYS B 182 1.89 28.82 -3.69
C LYS B 182 1.97 29.23 -5.15
N GLN B 183 3.07 28.88 -5.80
CA GLN B 183 3.26 29.23 -7.20
C GLN B 183 2.30 28.50 -8.12
N GLN B 184 2.02 27.23 -7.85
CA GLN B 184 1.11 26.48 -8.72
C GLN B 184 -0.27 27.12 -8.59
N PHE B 185 -0.63 27.45 -7.35
CA PHE B 185 -1.93 28.06 -7.08
C PHE B 185 -2.07 29.41 -7.78
N LEU B 186 -1.06 30.26 -7.65
CA LEU B 186 -1.10 31.57 -8.27
C LEU B 186 -1.22 31.40 -9.79
N SER B 187 -0.49 30.40 -10.30
CA SER B 187 -0.48 30.12 -11.72
C SER B 187 -1.84 29.94 -12.37
N ILE B 188 -2.79 29.31 -11.67
CA ILE B 188 -4.12 29.08 -12.24
C ILE B 188 -5.17 30.08 -11.78
N ASN B 189 -4.72 31.21 -11.24
CA ASN B 189 -5.59 32.26 -10.70
C ASN B 189 -6.44 31.63 -9.58
N GLY B 190 -5.83 30.74 -8.77
CA GLY B 190 -6.58 30.09 -7.70
C GLY B 190 -7.73 29.22 -8.21
N PHE B 191 -8.74 29.02 -7.36
CA PHE B 191 -9.90 28.20 -7.71
C PHE B 191 -11.09 29.06 -8.09
N PRO B 192 -12.11 28.46 -8.73
CA PRO B 192 -13.31 29.19 -9.14
C PRO B 192 -14.16 29.62 -7.95
N ASN B 193 -14.87 30.73 -8.09
CA ASN B 193 -15.74 31.18 -7.01
C ASN B 193 -17.19 30.95 -7.38
N ASN B 194 -17.42 30.60 -8.65
CA ASN B 194 -18.77 30.43 -9.16
C ASN B 194 -19.42 29.04 -9.13
N TYR B 195 -18.85 28.10 -8.39
CA TYR B 195 -19.46 26.77 -8.29
C TYR B 195 -20.22 26.66 -6.97
N TRP B 196 -21.55 26.76 -7.05
CA TRP B 196 -22.41 26.68 -5.86
C TRP B 196 -23.07 25.33 -5.82
N GLY B 197 -23.12 24.73 -4.63
CA GLY B 197 -23.69 23.40 -4.54
C GLY B 197 -22.59 22.39 -4.88
N TRP B 198 -22.94 21.11 -4.77
CA TRP B 198 -22.03 19.99 -4.95
C TRP B 198 -21.54 19.66 -6.37
N GLY B 199 -20.30 19.19 -6.41
CA GLY B 199 -19.66 18.75 -7.65
C GLY B 199 -19.14 19.72 -8.69
N GLY B 200 -18.19 19.21 -9.48
CA GLY B 200 -17.63 19.97 -10.57
C GLY B 200 -16.46 20.91 -10.31
N GLU B 201 -16.41 21.54 -9.15
CA GLU B 201 -15.34 22.49 -8.88
C GLU B 201 -13.96 21.84 -8.95
N ASP B 202 -13.84 20.60 -8.47
CA ASP B 202 -12.58 19.89 -8.52
C ASP B 202 -12.16 19.62 -9.99
N ASP B 203 -13.13 19.36 -10.87
CA ASP B 203 -12.82 19.13 -12.27
C ASP B 203 -12.41 20.43 -12.96
N ASP B 204 -12.98 21.56 -12.52
CA ASP B 204 -12.61 22.86 -13.08
C ASP B 204 -11.14 23.10 -12.65
N ILE B 205 -10.83 22.85 -11.39
CA ILE B 205 -9.45 23.04 -10.89
C ILE B 205 -8.51 22.15 -11.72
N TYR B 206 -8.91 20.91 -11.94
CA TYR B 206 -8.09 20.01 -12.77
C TYR B 206 -7.84 20.64 -14.15
N ASN B 207 -8.91 21.12 -14.76
CA ASN B 207 -8.82 21.78 -16.06
C ASN B 207 -7.81 22.95 -16.00
N ARG B 208 -7.93 23.79 -14.99
CA ARG B 208 -7.03 24.94 -14.85
C ARG B 208 -5.57 24.53 -14.80
N LEU B 209 -5.27 23.52 -14.00
CA LEU B 209 -3.92 23.04 -13.86
C LEU B 209 -3.42 22.53 -15.21
N ALA B 210 -4.27 21.78 -15.91
CA ALA B 210 -3.88 21.22 -17.20
C ALA B 210 -3.65 22.32 -18.24
N PHE B 211 -4.50 23.35 -18.24
CA PHE B 211 -4.34 24.45 -19.19
C PHE B 211 -3.02 25.20 -18.98
N ARG B 212 -2.48 25.15 -17.77
CA ARG B 212 -1.22 25.84 -17.48
C ARG B 212 -0.03 24.88 -17.69
N GLY B 213 -0.29 23.76 -18.34
CA GLY B 213 0.78 22.82 -18.60
C GLY B 213 1.23 21.93 -17.47
N MET B 214 0.46 21.82 -16.39
CA MET B 214 0.87 20.97 -15.28
C MET B 214 0.22 19.60 -15.34
N SER B 215 0.86 18.61 -14.71
CA SER B 215 0.33 17.26 -14.65
C SER B 215 0.01 17.02 -13.18
N VAL B 216 -0.66 15.93 -12.85
CA VAL B 216 -0.98 15.66 -11.45
C VAL B 216 -0.07 14.61 -10.83
N SER B 217 0.60 14.98 -9.75
CA SER B 217 1.48 14.07 -9.03
C SER B 217 0.63 13.36 -7.97
N ARG B 218 0.87 12.06 -7.80
CA ARG B 218 0.11 11.23 -6.86
C ARG B 218 0.93 10.11 -6.26
N PRO B 219 0.63 9.74 -5.00
CA PRO B 219 1.39 8.63 -4.40
C PRO B 219 0.69 7.41 -5.01
N ASN B 220 1.23 6.20 -4.85
CA ASN B 220 0.51 5.06 -5.44
C ASN B 220 -0.71 4.73 -4.57
N ALA B 221 -1.60 3.87 -5.07
CA ALA B 221 -2.81 3.54 -4.35
C ALA B 221 -2.64 2.84 -3.00
N VAL B 222 -1.45 2.35 -2.69
CA VAL B 222 -1.30 1.71 -1.41
C VAL B 222 -0.98 2.80 -0.39
N ILE B 223 -0.01 3.65 -0.72
CA ILE B 223 0.42 4.77 0.11
C ILE B 223 -0.71 5.80 0.24
N GLY B 224 -1.57 5.84 -0.77
CA GLY B 224 -2.65 6.79 -0.76
C GLY B 224 -3.98 6.34 -0.19
N LYS B 225 -4.02 5.21 0.51
CA LYS B 225 -5.28 4.71 1.11
C LYS B 225 -5.85 5.78 2.05
N THR B 226 -7.14 6.06 1.89
CA THR B 226 -7.81 7.07 2.68
C THR B 226 -9.18 6.64 3.20
N ARG B 227 -9.46 6.96 4.47
CA ARG B 227 -10.72 6.63 5.12
C ARG B 227 -11.67 7.81 5.08
N HIS B 228 -12.93 7.55 4.78
CA HIS B 228 -13.96 8.57 4.73
C HIS B 228 -14.90 8.35 5.89
N ILE B 229 -15.39 9.43 6.48
CA ILE B 229 -16.34 9.29 7.57
C ILE B 229 -17.69 9.28 6.91
N ARG B 230 -18.32 8.10 6.86
CA ARG B 230 -19.62 7.99 6.23
C ARG B 230 -20.57 8.99 6.88
N HIS B 231 -21.38 9.66 6.08
CA HIS B 231 -22.29 10.63 6.64
C HIS B 231 -23.43 10.91 5.70
N SER B 232 -24.54 11.37 6.26
CA SER B 232 -25.72 11.71 5.49
C SER B 232 -25.39 12.97 4.72
N ARG B 233 -26.01 13.18 3.56
CA ARG B 233 -25.73 14.38 2.78
C ARG B 233 -26.24 15.59 3.53
N ASP B 234 -25.55 16.73 3.37
CA ASP B 234 -25.92 17.96 4.05
C ASP B 234 -26.97 18.73 3.27
N LYS B 235 -27.74 19.53 3.99
CA LYS B 235 -28.73 20.33 3.32
C LYS B 235 -27.93 21.49 2.74
N LYS B 236 -28.43 22.05 1.64
CA LYS B 236 -27.78 23.18 1.00
C LYS B 236 -26.51 22.88 0.20
N ASN B 237 -26.31 21.61 -0.13
CA ASN B 237 -25.18 21.22 -0.96
C ASN B 237 -25.63 20.09 -1.89
N GLU B 238 -26.74 20.35 -2.58
CA GLU B 238 -27.31 19.40 -3.53
C GLU B 238 -26.53 19.55 -4.83
N PRO B 239 -26.40 18.46 -5.60
CA PRO B 239 -25.66 18.55 -6.86
C PRO B 239 -25.99 19.78 -7.69
N ASN B 240 -24.94 20.45 -8.16
CA ASN B 240 -25.08 21.67 -8.95
C ASN B 240 -25.46 21.36 -10.42
N PRO B 241 -26.67 21.76 -10.83
CA PRO B 241 -27.21 21.55 -12.19
C PRO B 241 -26.36 22.14 -13.30
N GLN B 242 -25.62 23.20 -13.00
CA GLN B 242 -24.77 23.83 -14.02
C GLN B 242 -23.34 23.31 -14.03
N ARG B 243 -23.02 22.36 -13.16
CA ARG B 243 -21.64 21.92 -13.11
C ARG B 243 -21.00 21.44 -14.40
N PHE B 244 -21.73 20.66 -15.20
CA PHE B 244 -21.14 20.13 -16.43
C PHE B 244 -20.92 21.19 -17.47
N ASP B 245 -21.85 22.13 -17.55
CA ASP B 245 -21.68 23.18 -18.52
C ASP B 245 -20.52 24.09 -18.08
N ARG B 246 -20.40 24.34 -16.78
CA ARG B 246 -19.30 25.16 -16.29
C ARG B 246 -17.94 24.49 -16.50
N ILE B 247 -17.85 23.20 -16.21
CA ILE B 247 -16.61 22.48 -16.36
C ILE B 247 -16.09 22.53 -17.81
N ALA B 248 -17.00 22.61 -18.77
CA ALA B 248 -16.61 22.65 -20.16
C ALA B 248 -16.09 24.00 -20.63
N HIS B 249 -16.20 25.03 -19.80
CA HIS B 249 -15.69 26.34 -20.21
C HIS B 249 -14.57 26.90 -19.34
N THR B 250 -14.01 26.07 -18.47
CA THR B 250 -12.93 26.51 -17.60
C THR B 250 -11.87 27.37 -18.30
N LYS B 251 -11.44 26.92 -19.46
CA LYS B 251 -10.43 27.62 -20.25
C LYS B 251 -10.65 29.13 -20.28
N GLU B 252 -11.90 29.53 -20.48
CA GLU B 252 -12.17 30.95 -20.57
C GLU B 252 -12.55 31.61 -19.26
N THR B 253 -13.27 30.90 -18.39
CA THR B 253 -13.68 31.52 -17.14
C THR B 253 -12.63 31.60 -16.05
N MET B 254 -11.54 30.85 -16.18
CA MET B 254 -10.51 30.84 -15.16
C MET B 254 -9.74 32.17 -15.10
N LEU B 255 -9.77 32.91 -16.20
CA LEU B 255 -9.06 34.19 -16.25
C LEU B 255 -9.83 35.24 -15.49
N SER B 256 -11.15 35.11 -15.46
CA SER B 256 -12.00 36.09 -14.79
C SER B 256 -12.67 35.63 -13.49
N ASP B 257 -12.52 34.36 -13.13
CA ASP B 257 -13.12 33.88 -11.89
C ASP B 257 -12.06 33.12 -11.10
N GLY B 258 -11.61 33.74 -10.02
CA GLY B 258 -10.59 33.12 -9.19
C GLY B 258 -10.08 34.05 -8.11
N LEU B 259 -8.81 33.91 -7.77
CA LEU B 259 -8.21 34.74 -6.75
C LEU B 259 -8.44 36.22 -7.07
N ASN B 260 -8.30 36.56 -8.34
CA ASN B 260 -8.47 37.94 -8.78
C ASN B 260 -9.89 38.52 -8.70
N SER B 261 -10.90 37.68 -8.45
CA SER B 261 -12.25 38.21 -8.39
C SER B 261 -12.90 37.80 -7.07
N LEU B 262 -12.09 37.31 -6.15
CA LEU B 262 -12.58 36.88 -4.86
C LEU B 262 -13.00 38.02 -3.91
N THR B 263 -14.21 37.94 -3.38
CA THR B 263 -14.68 38.94 -2.42
C THR B 263 -15.42 38.18 -1.35
N TYR B 264 -15.25 38.61 -0.12
CA TYR B 264 -15.91 37.93 0.97
C TYR B 264 -15.81 38.83 2.18
N MET B 265 -16.55 38.51 3.23
CA MET B 265 -16.47 39.30 4.46
C MET B 265 -16.16 38.37 5.59
N VAL B 266 -15.18 38.74 6.41
CA VAL B 266 -14.82 37.95 7.58
C VAL B 266 -15.73 38.36 8.72
N LEU B 267 -16.42 37.39 9.32
CA LEU B 267 -17.35 37.64 10.42
C LEU B 267 -16.69 37.28 11.75
N GLU B 268 -15.70 36.42 11.69
CA GLU B 268 -15.01 36.03 12.91
C GLU B 268 -13.79 35.18 12.65
N VAL B 269 -12.77 35.39 13.47
CA VAL B 269 -11.56 34.61 13.40
C VAL B 269 -11.40 34.02 14.78
N GLN B 270 -11.33 32.68 14.84
CA GLN B 270 -11.14 31.99 16.10
C GLN B 270 -9.83 31.27 16.15
N ARG B 271 -9.04 31.56 17.17
CA ARG B 271 -7.79 30.86 17.33
C ARG B 271 -8.06 29.92 18.49
N TYR B 272 -8.07 28.63 18.19
CA TYR B 272 -8.25 27.60 19.20
C TYR B 272 -6.89 26.93 19.26
N PRO B 273 -6.64 26.15 20.31
CA PRO B 273 -5.32 25.51 20.36
C PRO B 273 -5.03 24.54 19.22
N LEU B 274 -6.05 23.91 18.65
CA LEU B 274 -5.79 22.96 17.57
C LEU B 274 -6.01 23.47 16.12
N TYR B 275 -6.56 24.69 15.99
CA TYR B 275 -6.78 25.25 14.67
C TYR B 275 -7.27 26.69 14.70
N THR B 276 -7.29 27.29 13.52
CA THR B 276 -7.81 28.64 13.33
C THR B 276 -9.08 28.41 12.54
N LYS B 277 -10.18 28.96 13.00
CA LYS B 277 -11.45 28.82 12.31
C LYS B 277 -11.91 30.20 11.90
N ILE B 278 -12.04 30.41 10.60
CA ILE B 278 -12.47 31.69 10.07
C ILE B 278 -13.87 31.58 9.52
N THR B 279 -14.80 32.31 10.14
CA THR B 279 -16.17 32.27 9.66
C THR B 279 -16.31 33.42 8.71
N VAL B 280 -16.80 33.11 7.50
CA VAL B 280 -16.93 34.12 6.47
C VAL B 280 -18.28 34.15 5.75
N ASP B 281 -18.65 35.34 5.27
CA ASP B 281 -19.87 35.50 4.51
C ASP B 281 -19.35 35.57 3.09
N ILE B 282 -19.62 34.54 2.27
CA ILE B 282 -19.12 34.55 0.89
C ILE B 282 -20.17 34.87 -0.17
N GLY B 283 -21.27 35.48 0.28
CA GLY B 283 -22.31 35.86 -0.67
C GLY B 283 -23.23 34.73 -1.09
N THR B 284 -23.96 34.96 -2.16
CA THR B 284 -24.92 33.96 -2.63
C THR B 284 -24.78 33.77 -4.12
N PRO B 285 -25.36 32.68 -4.65
CA PRO B 285 -25.26 32.46 -6.10
C PRO B 285 -25.76 33.73 -6.80
N SER B 286 -25.05 34.17 -7.82
CA SER B 286 -25.44 35.38 -8.56
C SER B 286 -25.51 35.11 -10.07
N THR C 1 -4.05 -7.75 -1.22
CA THR C 1 -4.38 -9.05 -0.55
C THR C 1 -3.34 -10.10 -0.90
N GLU C 2 -2.88 -10.82 0.11
CA GLU C 2 -1.93 -11.88 -0.12
C GLU C 2 -2.75 -13.13 -0.42
N LEU C 3 -2.77 -13.53 -1.68
CA LEU C 3 -3.53 -14.68 -2.11
C LEU C 3 -2.81 -16.00 -1.86
N THR C 4 -3.55 -17.09 -2.03
CA THR C 4 -3.02 -18.44 -1.84
C THR C 4 -2.78 -18.97 -3.24
N LYS C 5 -1.97 -20.01 -3.35
CA LYS C 5 -1.71 -20.62 -4.65
C LYS C 5 -3.02 -20.99 -5.34
N CYS C 6 -3.95 -21.63 -4.62
CA CYS C 6 -5.21 -21.98 -5.25
C CYS C 6 -6.03 -20.76 -5.67
N LYS C 7 -6.13 -19.75 -4.81
CA LYS C 7 -6.88 -18.53 -5.16
C LYS C 7 -6.26 -17.93 -6.43
N VAL C 8 -4.93 -17.84 -6.46
CA VAL C 8 -4.27 -17.33 -7.67
C VAL C 8 -4.63 -18.16 -8.89
N SER C 9 -4.44 -19.47 -8.81
CA SER C 9 -4.70 -20.34 -9.94
C SER C 9 -6.12 -20.21 -10.48
N HIS C 10 -7.09 -20.09 -9.59
CA HIS C 10 -8.48 -19.95 -10.00
C HIS C 10 -8.63 -18.57 -10.66
N ALA C 11 -8.11 -17.53 -10.01
CA ALA C 11 -8.21 -16.16 -10.54
C ALA C 11 -7.60 -15.94 -11.92
N ILE C 12 -6.47 -16.56 -12.20
CA ILE C 12 -5.82 -16.35 -13.50
C ILE C 12 -6.13 -17.36 -14.59
N LYS C 13 -7.14 -18.22 -14.36
CA LYS C 13 -7.54 -19.24 -15.33
C LYS C 13 -7.46 -18.80 -16.78
N ASP C 14 -8.08 -17.68 -17.10
CA ASP C 14 -8.09 -17.18 -18.48
C ASP C 14 -6.74 -17.05 -19.17
N ILE C 15 -5.68 -16.90 -18.38
CA ILE C 15 -4.37 -16.75 -18.98
C ILE C 15 -3.78 -18.12 -19.34
N ASP C 16 -4.35 -19.19 -18.81
CA ASP C 16 -3.79 -20.52 -19.06
C ASP C 16 -3.63 -20.84 -20.54
N GLY C 17 -2.43 -21.27 -20.91
CA GLY C 17 -2.14 -21.62 -22.29
C GLY C 17 -1.57 -20.53 -23.18
N TYR C 18 -1.78 -19.26 -22.84
CA TYR C 18 -1.25 -18.21 -23.69
C TYR C 18 0.25 -18.24 -23.81
N GLN C 19 0.72 -18.18 -25.05
CA GLN C 19 2.13 -18.16 -25.30
C GLN C 19 2.69 -19.51 -24.78
N GLY C 20 1.78 -20.46 -24.58
CA GLY C 20 2.16 -21.79 -24.13
C GLY C 20 2.60 -21.93 -22.68
N ILE C 21 2.21 -20.98 -21.83
CA ILE C 21 2.56 -21.02 -20.42
C ILE C 21 1.34 -21.55 -19.68
N SER C 22 1.53 -22.56 -18.83
CA SER C 22 0.42 -23.18 -18.08
C SER C 22 0.18 -22.58 -16.70
N LEU C 23 -0.93 -22.95 -16.06
CA LEU C 23 -1.21 -22.45 -14.71
C LEU C 23 -0.14 -22.90 -13.73
N LEU C 24 0.47 -24.07 -13.96
CA LEU C 24 1.53 -24.55 -13.08
C LEU C 24 2.72 -23.59 -13.18
N GLU C 25 3.11 -23.28 -14.41
CA GLU C 25 4.22 -22.37 -14.56
C GLU C 25 3.92 -21.00 -13.94
N TRP C 26 2.71 -20.50 -14.14
CA TRP C 26 2.36 -19.20 -13.59
C TRP C 26 2.29 -19.16 -12.08
N ALA C 27 1.79 -20.24 -11.45
CA ALA C 27 1.75 -20.25 -10.00
C ALA C 27 3.18 -20.14 -9.52
N CYS C 28 4.10 -20.80 -10.22
CA CYS C 28 5.52 -20.76 -9.81
C CYS C 28 6.06 -19.34 -10.08
N VAL C 29 5.82 -18.83 -11.29
CA VAL C 29 6.33 -17.52 -11.62
C VAL C 29 5.78 -16.46 -10.68
N LEU C 30 4.48 -16.49 -10.47
CA LEU C 30 3.87 -15.45 -9.64
C LEU C 30 4.25 -15.52 -8.19
N PHE C 31 4.60 -16.70 -7.70
CA PHE C 31 5.01 -16.80 -6.31
C PHE C 31 6.37 -16.09 -6.18
N HIS C 32 7.27 -16.36 -7.11
CA HIS C 32 8.58 -15.73 -7.05
C HIS C 32 8.58 -14.26 -7.47
N THR C 33 7.58 -13.87 -8.23
CA THR C 33 7.51 -12.51 -8.74
C THR C 33 6.90 -11.56 -7.68
N SER C 34 5.82 -12.00 -7.05
CA SER C 34 5.15 -11.14 -6.09
C SER C 34 4.68 -11.80 -4.81
N GLY C 35 5.05 -13.06 -4.57
CA GLY C 35 4.59 -13.73 -3.38
C GLY C 35 3.06 -13.77 -3.36
N TYR C 36 2.43 -13.60 -4.52
CA TYR C 36 0.97 -13.59 -4.65
C TYR C 36 0.35 -12.37 -3.95
N ASP C 37 1.15 -11.32 -3.75
CA ASP C 37 0.67 -10.09 -3.13
C ASP C 37 0.10 -9.15 -4.21
N THR C 38 -1.22 -9.02 -4.30
CA THR C 38 -1.80 -8.13 -5.31
C THR C 38 -1.46 -6.65 -5.14
N GLN C 39 -0.85 -6.29 -4.01
CA GLN C 39 -0.52 -4.90 -3.78
C GLN C 39 0.99 -4.69 -3.83
N ALA C 40 1.69 -5.69 -4.36
CA ALA C 40 3.14 -5.62 -4.43
C ALA C 40 3.64 -4.41 -5.22
N VAL C 41 4.56 -3.66 -4.63
CA VAL C 41 5.16 -2.51 -5.31
C VAL C 41 6.65 -2.60 -5.12
N VAL C 42 7.37 -2.77 -6.23
CA VAL C 42 8.81 -2.94 -6.15
C VAL C 42 9.54 -2.04 -7.11
N ASN C 43 10.49 -1.26 -6.58
CA ASN C 43 11.26 -0.38 -7.41
C ASN C 43 12.36 -1.21 -8.07
N ASP C 44 12.68 -0.86 -9.30
CA ASP C 44 13.74 -1.58 -9.97
C ASP C 44 14.91 -0.61 -9.96
N ASN C 45 15.01 0.17 -11.03
CA ASN C 45 16.08 1.16 -11.14
C ASN C 45 15.50 2.30 -11.96
N GLY C 46 14.90 3.26 -11.26
CA GLY C 46 14.28 4.37 -11.94
C GLY C 46 12.86 4.00 -12.35
N SER C 47 12.54 2.70 -12.33
CA SER C 47 11.20 2.26 -12.70
C SER C 47 10.52 1.51 -11.54
N THR C 48 9.21 1.30 -11.63
CA THR C 48 8.47 0.63 -10.55
C THR C 48 7.54 -0.46 -11.08
N GLU C 49 7.49 -1.62 -10.43
CA GLU C 49 6.67 -2.75 -10.88
C GLU C 49 5.53 -2.98 -9.92
N TYR C 50 4.37 -3.23 -10.52
CA TYR C 50 3.11 -3.33 -9.81
C TYR C 50 2.28 -4.60 -9.79
N GLY C 51 1.77 -4.89 -8.60
CA GLY C 51 0.86 -6.00 -8.39
C GLY C 51 1.36 -7.41 -8.54
N LEU C 52 0.39 -8.31 -8.64
CA LEU C 52 0.63 -9.75 -8.77
C LEU C 52 1.67 -10.08 -9.85
N PHE C 53 1.53 -9.46 -11.01
CA PHE C 53 2.43 -9.74 -12.14
C PHE C 53 3.65 -8.85 -12.18
N GLN C 54 3.68 -7.87 -11.29
CA GLN C 54 4.79 -6.93 -11.20
C GLN C 54 5.05 -6.29 -12.57
N ILE C 55 4.02 -5.66 -13.09
CA ILE C 55 4.02 -4.97 -14.36
C ILE C 55 4.74 -3.63 -14.19
N SER C 56 5.65 -3.30 -15.11
CA SER C 56 6.45 -2.08 -15.01
C SER C 56 5.85 -0.79 -15.54
N ASP C 57 6.07 0.31 -14.83
CA ASP C 57 5.54 1.61 -15.29
C ASP C 57 6.45 2.28 -16.33
N ARG C 58 7.56 1.64 -16.66
CA ARG C 58 8.44 2.24 -17.65
C ARG C 58 7.78 2.18 -19.02
N PHE C 59 7.14 1.06 -19.35
CA PHE C 59 6.51 0.89 -20.66
C PHE C 59 5.07 0.42 -20.67
N TRP C 60 4.69 -0.34 -19.66
CA TRP C 60 3.38 -0.96 -19.65
C TRP C 60 2.15 -0.26 -19.05
N CYS C 61 2.29 0.34 -17.86
CA CYS C 61 1.16 1.03 -17.25
C CYS C 61 1.61 2.45 -16.96
N LYS C 62 0.67 3.37 -16.75
CA LYS C 62 1.00 4.76 -16.45
C LYS C 62 1.02 5.02 -14.95
N SER C 63 2.15 5.48 -14.44
CA SER C 63 2.23 5.79 -13.03
C SER C 63 2.38 7.30 -12.95
N SER C 64 2.59 7.82 -11.75
CA SER C 64 2.77 9.24 -11.56
C SER C 64 4.17 9.59 -12.06
N GLU C 65 5.07 8.62 -12.03
CA GLU C 65 6.46 8.81 -12.44
C GLU C 65 6.84 8.73 -13.91
N PHE C 66 6.02 8.16 -14.78
CA PHE C 66 6.52 8.13 -16.15
C PHE C 66 5.77 8.84 -17.23
N PRO C 67 6.12 10.12 -17.44
CA PRO C 67 5.50 10.99 -18.44
C PRO C 67 5.71 10.38 -19.83
N GLU C 68 6.89 9.80 -20.01
CA GLU C 68 7.26 9.22 -21.29
C GLU C 68 6.94 7.72 -21.46
N SER C 69 6.19 7.14 -20.53
CA SER C 69 5.84 5.73 -20.66
C SER C 69 4.84 5.57 -21.80
N GLU C 70 5.02 4.53 -22.59
CA GLU C 70 4.12 4.25 -23.69
C GLU C 70 2.77 3.77 -23.14
N ASN C 71 2.73 3.38 -21.87
CA ASN C 71 1.48 2.91 -21.25
C ASN C 71 0.83 1.92 -22.22
N ILE C 72 1.63 0.96 -22.68
CA ILE C 72 1.14 -0.02 -23.63
C ILE C 72 -0.17 -0.67 -23.19
N CYS C 73 -0.33 -0.93 -21.89
CA CYS C 73 -1.57 -1.54 -21.45
C CYS C 73 -2.76 -0.58 -21.35
N GLY C 74 -2.48 0.71 -21.52
CA GLY C 74 -3.51 1.75 -21.47
C GLY C 74 -4.23 1.70 -20.16
N ILE C 75 -3.44 1.64 -19.09
CA ILE C 75 -4.04 1.52 -17.79
C ILE C 75 -3.17 2.17 -16.73
N SER C 76 -3.80 2.67 -15.67
CA SER C 76 -3.05 3.27 -14.58
C SER C 76 -2.49 2.12 -13.75
N CYS C 77 -1.23 2.26 -13.34
CA CYS C 77 -0.60 1.22 -12.58
C CYS C 77 -1.37 0.92 -11.32
N ASP C 78 -2.11 1.91 -10.82
CA ASP C 78 -2.85 1.69 -9.58
C ASP C 78 -3.94 0.67 -9.76
N LYS C 79 -4.34 0.46 -11.00
CA LYS C 79 -5.39 -0.52 -11.28
C LYS C 79 -4.84 -1.94 -11.14
N LEU C 80 -3.51 -2.01 -10.98
CA LEU C 80 -2.77 -3.26 -10.83
C LEU C 80 -2.52 -3.50 -9.38
N LEU C 81 -3.08 -2.65 -8.53
CA LEU C 81 -2.86 -2.81 -7.10
C LEU C 81 -4.11 -3.21 -6.32
N ASP C 82 -5.19 -3.56 -7.00
CA ASP C 82 -6.37 -3.96 -6.27
C ASP C 82 -6.56 -5.46 -6.39
N ASP C 83 -7.74 -5.94 -6.01
CA ASP C 83 -8.03 -7.37 -6.04
C ASP C 83 -8.78 -7.88 -7.25
N GLU C 84 -9.03 -7.01 -8.22
CA GLU C 84 -9.71 -7.39 -9.45
C GLU C 84 -8.59 -7.69 -10.47
N LEU C 85 -8.25 -8.95 -10.64
CA LEU C 85 -7.16 -9.34 -11.53
C LEU C 85 -7.42 -9.38 -13.03
N ASP C 86 -8.64 -9.12 -13.47
CA ASP C 86 -8.90 -9.17 -14.89
C ASP C 86 -8.12 -8.17 -15.71
N ASP C 87 -7.92 -6.96 -15.19
CA ASP C 87 -7.13 -6.00 -15.95
C ASP C 87 -5.63 -6.39 -15.92
N ASP C 88 -5.13 -6.85 -14.77
CA ASP C 88 -3.72 -7.26 -14.65
C ASP C 88 -3.46 -8.35 -15.71
N ILE C 89 -4.39 -9.30 -15.81
CA ILE C 89 -4.28 -10.41 -16.75
C ILE C 89 -4.27 -9.93 -18.19
N ALA C 90 -5.16 -9.00 -18.54
CA ALA C 90 -5.17 -8.51 -19.91
C ALA C 90 -3.83 -7.83 -20.21
N CYS C 91 -3.22 -7.18 -19.22
CA CYS C 91 -1.94 -6.51 -19.46
C CYS C 91 -0.80 -7.53 -19.58
N ALA C 92 -0.85 -8.58 -18.75
CA ALA C 92 0.14 -9.64 -18.81
C ALA C 92 0.09 -10.27 -20.19
N LYS C 93 -1.12 -10.42 -20.74
CA LYS C 93 -1.26 -10.99 -22.06
C LYS C 93 -0.57 -10.11 -23.09
N LYS C 94 -0.71 -8.78 -22.96
CA LYS C 94 -0.04 -7.91 -23.91
C LYS C 94 1.48 -8.08 -23.79
N ILE C 95 1.98 -8.21 -22.57
CA ILE C 95 3.42 -8.42 -22.38
C ILE C 95 3.83 -9.74 -23.01
N LEU C 96 3.04 -10.78 -22.77
CA LEU C 96 3.35 -12.08 -23.36
C LEU C 96 3.39 -12.03 -24.88
N ALA C 97 2.47 -11.27 -25.47
CA ALA C 97 2.41 -11.20 -26.93
C ALA C 97 3.52 -10.36 -27.55
N ILE C 98 3.98 -9.34 -26.84
CA ILE C 98 5.01 -8.46 -27.38
C ILE C 98 6.41 -8.87 -26.95
N LYS C 99 6.64 -9.02 -25.64
CA LYS C 99 7.96 -9.38 -25.14
C LYS C 99 8.09 -10.90 -24.92
N GLY C 100 7.08 -11.53 -24.35
CA GLY C 100 7.14 -12.96 -24.10
C GLY C 100 7.38 -13.25 -22.61
N ILE C 101 7.36 -14.53 -22.26
CA ILE C 101 7.53 -14.94 -20.87
C ILE C 101 8.81 -14.45 -20.17
N ASP C 102 9.85 -14.13 -20.93
CA ASP C 102 11.08 -13.69 -20.27
C ASP C 102 11.01 -12.30 -19.64
N TYR C 103 9.87 -11.63 -19.79
CA TYR C 103 9.68 -10.36 -19.09
C TYR C 103 9.77 -10.78 -17.61
N TRP C 104 9.24 -11.96 -17.26
CA TRP C 104 9.29 -12.43 -15.86
C TRP C 104 10.61 -13.19 -15.62
N LYS C 105 11.56 -12.50 -15.03
CA LYS C 105 12.91 -13.01 -14.75
C LYS C 105 12.96 -14.27 -13.93
N ALA C 106 11.92 -14.52 -13.15
CA ALA C 106 11.88 -15.72 -12.33
C ALA C 106 11.62 -16.99 -13.13
N TYR C 107 10.96 -16.86 -14.28
CA TYR C 107 10.59 -18.03 -15.06
C TYR C 107 11.69 -19.02 -15.43
N LYS C 108 12.74 -18.53 -16.07
CA LYS C 108 13.81 -19.44 -16.46
C LYS C 108 14.55 -20.13 -15.29
N PRO C 109 15.07 -19.36 -14.33
CA PRO C 109 15.77 -20.05 -13.23
C PRO C 109 14.95 -20.84 -12.21
N MET C 110 13.73 -20.39 -11.95
CA MET C 110 12.92 -21.01 -10.92
C MET C 110 11.78 -21.92 -11.35
N CYS C 111 11.37 -21.80 -12.61
CA CYS C 111 10.22 -22.55 -13.06
C CYS C 111 10.38 -23.39 -14.30
N SER C 112 11.59 -23.89 -14.50
CA SER C 112 11.91 -24.75 -15.65
C SER C 112 11.77 -26.26 -15.35
N GLU C 113 11.46 -26.60 -14.10
CA GLU C 113 11.31 -28.00 -13.71
C GLU C 113 10.45 -28.08 -12.48
N LYS C 114 10.15 -29.29 -12.07
CA LYS C 114 9.38 -29.50 -10.87
C LYS C 114 8.14 -28.62 -10.81
N LEU C 115 7.27 -28.75 -11.80
CA LEU C 115 6.04 -27.96 -11.88
C LEU C 115 4.88 -28.56 -11.13
N GLU C 116 4.87 -29.87 -10.95
CA GLU C 116 3.72 -30.48 -10.31
C GLU C 116 3.46 -29.94 -8.91
N GLN C 117 4.53 -29.59 -8.20
CA GLN C 117 4.38 -29.05 -6.86
C GLN C 117 3.65 -27.71 -6.89
N TRP C 118 3.51 -27.11 -8.06
CA TRP C 118 2.83 -25.82 -8.17
C TRP C 118 1.35 -25.95 -8.49
N ARG C 119 0.84 -27.17 -8.59
CA ARG C 119 -0.57 -27.39 -8.90
C ARG C 119 -1.43 -27.00 -7.70
N CYS C 120 -2.60 -26.41 -7.93
CA CYS C 120 -3.43 -26.04 -6.77
C CYS C 120 -3.85 -27.27 -5.99
N GLU C 121 -3.66 -27.16 -4.67
CA GLU C 121 -3.98 -28.22 -3.72
C GLU C 121 -5.40 -28.67 -3.61
N LYS C 122 -6.31 -27.74 -3.41
CA LYS C 122 -7.73 -28.08 -3.26
C LYS C 122 -8.16 -29.08 -4.35
N PRO C 123 -8.80 -30.18 -3.94
CA PRO C 123 -9.27 -31.21 -4.88
C PRO C 123 -9.94 -30.64 -6.12
N LEU D 15 28.29 -37.97 33.54
CA LEU D 15 27.19 -37.68 32.59
C LEU D 15 27.22 -38.55 31.35
N THR D 16 26.05 -39.04 30.95
CA THR D 16 25.89 -39.88 29.75
C THR D 16 25.43 -38.97 28.60
N ALA D 17 25.24 -39.54 27.42
CA ALA D 17 24.78 -38.78 26.26
C ALA D 17 23.28 -38.51 26.44
N CYS D 18 22.82 -37.34 26.01
CA CYS D 18 21.39 -37.04 26.09
C CYS D 18 20.71 -38.04 25.18
N PRO D 19 19.43 -38.33 25.44
CA PRO D 19 18.77 -39.28 24.56
C PRO D 19 18.66 -38.74 23.13
N GLU D 20 18.51 -39.64 22.17
CA GLU D 20 18.39 -39.23 20.78
C GLU D 20 17.27 -38.20 20.69
N GLU D 21 16.19 -38.43 21.42
CA GLU D 21 15.08 -37.50 21.44
C GLU D 21 14.85 -37.08 22.89
N SER D 22 14.68 -35.78 23.11
CA SER D 22 14.46 -35.26 24.45
C SER D 22 13.12 -35.69 25.04
N PRO D 23 13.09 -36.01 26.35
CA PRO D 23 11.86 -36.43 27.02
C PRO D 23 11.17 -35.23 27.63
N LEU D 24 11.71 -34.05 27.37
CA LEU D 24 11.15 -32.83 27.93
C LEU D 24 10.18 -32.13 27.00
N LEU D 25 10.16 -32.54 25.72
CA LEU D 25 9.33 -31.91 24.69
C LEU D 25 7.85 -31.83 25.04
N VAL D 26 7.22 -30.71 24.70
CA VAL D 26 5.78 -30.58 24.99
C VAL D 26 4.95 -30.65 23.72
N GLY D 27 5.60 -30.49 22.56
CA GLY D 27 4.86 -30.55 21.31
C GLY D 27 4.35 -29.20 20.81
N PRO D 28 3.10 -29.13 20.30
CA PRO D 28 2.51 -27.87 19.80
C PRO D 28 2.37 -26.78 20.85
N MET D 29 2.67 -25.55 20.45
CA MET D 29 2.62 -24.41 21.37
C MET D 29 1.86 -23.26 20.77
N LEU D 30 1.34 -22.39 21.63
CA LEU D 30 0.60 -21.21 21.21
C LEU D 30 1.65 -20.10 21.05
N ILE D 31 1.83 -19.58 19.85
CA ILE D 31 2.82 -18.52 19.65
C ILE D 31 2.03 -17.25 19.30
N GLU D 32 2.01 -16.29 20.22
CA GLU D 32 1.28 -15.04 20.04
C GLU D 32 2.18 -13.83 20.26
N PHE D 33 1.88 -12.74 19.58
CA PHE D 33 2.68 -11.53 19.73
C PHE D 33 1.84 -10.38 20.25
N ASN D 34 1.23 -10.58 21.42
CA ASN D 34 0.40 -9.56 22.05
C ASN D 34 1.29 -8.92 23.10
N ILE D 35 1.37 -9.59 24.25
CA ILE D 35 2.18 -9.15 25.38
C ILE D 35 3.57 -8.66 24.97
N PRO D 36 3.89 -7.37 25.24
CA PRO D 36 5.23 -6.91 24.86
C PRO D 36 6.12 -7.67 25.83
N VAL D 37 7.30 -8.08 25.40
CA VAL D 37 8.14 -8.85 26.30
C VAL D 37 9.06 -7.99 27.12
N ASP D 38 9.44 -8.54 28.27
CA ASP D 38 10.35 -7.89 29.19
C ASP D 38 11.51 -8.88 29.37
N LEU D 39 12.63 -8.59 28.73
CA LEU D 39 13.79 -9.47 28.79
C LEU D 39 14.21 -9.78 30.22
N LYS D 40 13.96 -8.84 31.11
CA LYS D 40 14.30 -9.04 32.51
C LYS D 40 13.46 -10.25 32.91
N LEU D 41 12.21 -10.24 32.48
CA LEU D 41 11.28 -11.32 32.72
C LEU D 41 11.78 -12.59 32.02
N VAL D 42 12.26 -12.45 30.79
CA VAL D 42 12.76 -13.61 30.09
C VAL D 42 14.00 -14.17 30.81
N GLU D 43 14.85 -13.29 31.32
CA GLU D 43 16.03 -13.79 32.01
C GLU D 43 15.59 -14.55 33.25
N GLN D 44 14.53 -14.06 33.89
CA GLN D 44 14.00 -14.68 35.11
C GLN D 44 13.57 -16.12 34.84
N GLN D 45 12.78 -16.28 33.79
CA GLN D 45 12.26 -17.56 33.36
C GLN D 45 13.33 -18.53 32.88
N ASN D 46 14.50 -18.02 32.49
CA ASN D 46 15.58 -18.88 31.96
C ASN D 46 16.88 -18.67 32.68
N PRO D 47 16.90 -19.01 33.98
CA PRO D 47 18.09 -18.86 34.82
C PRO D 47 19.31 -19.68 34.44
N LYS D 48 19.12 -20.81 33.76
CA LYS D 48 20.30 -21.63 33.36
C LYS D 48 21.08 -21.05 32.18
N VAL D 49 20.49 -20.10 31.47
CA VAL D 49 21.16 -19.48 30.33
C VAL D 49 22.23 -18.53 30.85
N LYS D 50 23.45 -18.72 30.36
CA LYS D 50 24.58 -17.92 30.80
C LYS D 50 24.93 -16.73 29.90
N LEU D 51 25.80 -15.87 30.41
CA LEU D 51 26.23 -14.66 29.69
C LEU D 51 26.50 -14.93 28.21
N GLY D 52 25.89 -14.12 27.36
CA GLY D 52 26.06 -14.29 25.93
C GLY D 52 25.03 -15.17 25.27
N GLY D 53 24.00 -15.58 26.02
CA GLY D 53 22.97 -16.43 25.46
C GLY D 53 23.44 -17.87 25.28
N ARG D 54 24.27 -18.34 26.20
CA ARG D 54 24.81 -19.70 26.21
C ARG D 54 24.11 -20.66 27.19
N TYR D 55 23.87 -21.88 26.73
CA TYR D 55 23.25 -22.89 27.55
C TYR D 55 23.81 -24.27 27.25
N THR D 56 24.04 -25.05 28.29
CA THR D 56 24.54 -26.41 28.11
C THR D 56 23.78 -27.27 29.11
N PRO D 57 23.25 -28.42 28.67
CA PRO D 57 22.52 -29.29 29.60
C PRO D 57 23.42 -29.71 30.77
N MET D 58 22.81 -29.89 31.95
CA MET D 58 23.59 -30.27 33.12
C MET D 58 23.46 -31.76 33.42
N ASP D 59 22.41 -32.37 32.87
CA ASP D 59 22.05 -33.78 33.07
C ASP D 59 22.62 -34.77 32.08
N CYS D 60 23.03 -34.27 30.94
CA CYS D 60 23.54 -35.17 29.93
C CYS D 60 24.44 -34.41 28.98
N ILE D 61 25.18 -35.14 28.18
CA ILE D 61 26.09 -34.53 27.24
C ILE D 61 25.40 -34.47 25.90
N SER D 62 25.26 -33.26 25.36
CA SER D 62 24.63 -33.09 24.07
C SER D 62 25.69 -33.15 22.99
N PRO D 63 25.42 -33.88 21.90
CA PRO D 63 26.40 -33.99 20.82
C PRO D 63 26.23 -32.80 19.86
N HIS D 64 25.18 -32.00 20.12
CA HIS D 64 24.85 -30.82 19.30
C HIS D 64 25.34 -29.52 19.91
N LYS D 65 26.46 -29.00 19.39
CA LYS D 65 27.04 -27.74 19.87
C LYS D 65 26.60 -26.78 18.78
N VAL D 66 25.54 -26.04 19.08
CA VAL D 66 24.91 -25.17 18.10
C VAL D 66 25.03 -23.69 18.27
N ALA D 67 25.51 -23.03 17.22
CA ALA D 67 25.55 -21.58 17.22
C ALA D 67 24.30 -21.23 16.41
N ILE D 68 23.42 -20.42 16.98
CA ILE D 68 22.21 -20.01 16.25
C ILE D 68 22.47 -18.55 15.87
N ILE D 69 22.56 -18.31 14.55
CA ILE D 69 22.90 -17.00 13.98
C ILE D 69 21.67 -16.30 13.42
N ILE D 70 21.46 -15.06 13.84
CA ILE D 70 20.32 -14.27 13.39
C ILE D 70 20.82 -13.00 12.72
N PRO D 71 20.53 -12.82 11.41
CA PRO D 71 20.99 -11.60 10.73
C PRO D 71 20.08 -10.53 11.27
N PHE D 72 20.64 -9.35 11.51
CA PHE D 72 19.88 -8.32 12.20
C PHE D 72 20.17 -6.87 11.86
N ARG D 73 19.10 -6.08 11.89
CA ARG D 73 19.19 -4.63 11.80
C ARG D 73 17.84 -4.05 12.13
N ASN D 74 17.79 -3.30 13.23
CA ASN D 74 16.55 -2.66 13.63
C ASN D 74 15.38 -3.56 13.92
N ARG D 75 15.60 -4.70 14.58
CA ARG D 75 14.48 -5.59 14.83
C ARG D 75 14.47 -5.98 16.30
N GLN D 76 14.72 -5.01 17.18
CA GLN D 76 14.79 -5.30 18.62
C GLN D 76 13.51 -5.89 19.17
N GLU D 77 12.37 -5.34 18.78
CA GLU D 77 11.11 -5.89 19.29
C GLU D 77 10.89 -7.33 18.78
N HIS D 78 11.25 -7.62 17.52
CA HIS D 78 11.09 -8.99 17.03
C HIS D 78 12.01 -9.89 17.87
N LEU D 79 13.23 -9.41 18.13
CA LEU D 79 14.20 -10.17 18.91
C LEU D 79 13.71 -10.54 20.29
N LYS D 80 13.00 -9.63 20.95
CA LYS D 80 12.53 -9.92 22.30
C LYS D 80 11.59 -11.12 22.24
N TYR D 81 10.70 -11.12 21.26
CA TYR D 81 9.76 -12.22 21.08
C TYR D 81 10.53 -13.51 20.75
N TRP D 82 11.55 -13.38 19.92
CA TRP D 82 12.35 -14.53 19.53
C TRP D 82 12.96 -15.18 20.78
N LEU D 83 13.54 -14.36 21.66
CA LEU D 83 14.17 -14.89 22.87
C LEU D 83 13.11 -15.40 23.84
N TYR D 84 12.01 -14.68 23.96
CA TYR D 84 10.94 -15.10 24.87
C TYR D 84 10.53 -16.54 24.54
N TYR D 85 10.34 -16.82 23.24
CA TYR D 85 9.96 -18.17 22.82
C TYR D 85 11.08 -19.20 22.65
N LEU D 86 12.18 -18.84 22.00
CA LEU D 86 13.22 -19.82 21.73
C LEU D 86 14.04 -20.34 22.89
N HIS D 87 14.41 -19.49 23.84
CA HIS D 87 15.21 -19.97 24.93
C HIS D 87 14.63 -21.17 25.68
N PRO D 88 13.33 -21.11 26.02
CA PRO D 88 12.76 -22.27 26.73
C PRO D 88 12.74 -23.50 25.80
N ILE D 89 12.42 -23.27 24.53
CA ILE D 89 12.37 -24.36 23.56
C ILE D 89 13.73 -25.03 23.33
N LEU D 90 14.77 -24.22 23.16
CA LEU D 90 16.09 -24.78 22.88
C LEU D 90 16.61 -25.62 24.06
N GLN D 91 16.28 -25.22 25.29
CA GLN D 91 16.70 -25.97 26.48
C GLN D 91 15.95 -27.30 26.55
N ARG D 92 14.66 -27.28 26.22
CA ARG D 92 13.91 -28.53 26.23
C ARG D 92 14.55 -29.43 25.18
N GLN D 93 15.11 -28.84 24.12
CA GLN D 93 15.72 -29.65 23.06
C GLN D 93 17.08 -30.20 23.44
N GLN D 94 17.54 -29.85 24.64
CA GLN D 94 18.81 -30.35 25.17
C GLN D 94 19.98 -30.05 24.26
N LEU D 95 20.03 -28.82 23.76
CA LEU D 95 21.14 -28.41 22.89
C LEU D 95 22.24 -27.70 23.71
N ASP D 96 23.46 -27.76 23.23
CA ASP D 96 24.59 -27.07 23.87
C ASP D 96 24.68 -25.88 22.91
N TYR D 97 23.96 -24.80 23.21
CA TYR D 97 23.89 -23.68 22.29
C TYR D 97 24.28 -22.29 22.74
N GLY D 98 24.43 -21.41 21.74
CA GLY D 98 24.77 -20.02 21.94
C GLY D 98 24.00 -19.20 20.90
N ILE D 99 23.51 -18.04 21.32
CA ILE D 99 22.73 -17.15 20.45
C ILE D 99 23.55 -15.98 19.94
N TYR D 100 23.59 -15.81 18.61
CA TYR D 100 24.35 -14.72 17.98
C TYR D 100 23.48 -13.87 17.07
N VAL D 101 23.46 -12.58 17.34
CA VAL D 101 22.72 -11.63 16.54
C VAL D 101 23.74 -10.80 15.75
N ILE D 102 23.83 -11.00 14.43
CA ILE D 102 24.77 -10.22 13.62
C ILE D 102 24.11 -8.95 13.12
N ASN D 103 24.48 -7.85 13.77
CA ASN D 103 23.91 -6.54 13.53
C ASN D 103 24.68 -5.73 12.47
N GLN D 104 24.01 -5.46 11.35
CA GLN D 104 24.62 -4.71 10.26
C GLN D 104 24.64 -3.24 10.64
N ALA D 105 25.83 -2.67 10.74
CA ALA D 105 25.99 -1.26 11.06
C ALA D 105 25.69 -0.41 9.81
N GLY D 106 25.33 0.84 10.01
CA GLY D 106 25.07 1.70 8.87
C GLY D 106 23.68 1.58 8.30
N GLU D 107 23.46 2.25 7.17
CA GLU D 107 22.17 2.21 6.48
C GLU D 107 22.30 1.92 5.00
N SER D 108 23.29 1.13 4.62
CA SER D 108 23.43 0.77 3.22
C SER D 108 22.59 -0.50 3.13
N MET D 109 22.30 -0.93 1.91
CA MET D 109 21.51 -2.13 1.65
C MET D 109 21.84 -3.30 2.59
N PHE D 110 20.79 -4.00 3.03
CA PHE D 110 20.91 -5.13 3.93
C PHE D 110 21.44 -6.37 3.20
N ASN D 111 22.28 -7.13 3.86
CA ASN D 111 22.83 -8.30 3.26
C ASN D 111 22.68 -9.44 4.25
N ARG D 112 21.55 -10.11 4.19
CA ARG D 112 21.35 -11.24 5.08
C ARG D 112 22.44 -12.30 5.05
N ALA D 113 22.77 -12.78 3.84
CA ALA D 113 23.74 -13.89 3.71
C ALA D 113 25.16 -13.55 4.17
N LYS D 114 25.59 -12.30 3.96
CA LYS D 114 26.92 -11.88 4.40
C LYS D 114 26.99 -11.86 5.93
N LEU D 115 25.92 -11.41 6.56
CA LEU D 115 25.88 -11.38 8.00
C LEU D 115 25.89 -12.80 8.55
N LEU D 116 25.30 -13.73 7.82
CA LEU D 116 25.27 -15.10 8.28
C LEU D 116 26.70 -15.64 8.26
N ASN D 117 27.47 -15.24 7.25
CA ASN D 117 28.85 -15.72 7.17
C ASN D 117 29.63 -15.17 8.37
N VAL D 118 29.38 -13.90 8.70
CA VAL D 118 30.04 -13.25 9.81
C VAL D 118 29.76 -14.00 11.10
N GLY D 119 28.51 -14.45 11.27
CA GLY D 119 28.15 -15.19 12.47
C GLY D 119 28.86 -16.52 12.57
N PHE D 120 29.00 -17.21 11.45
CA PHE D 120 29.69 -18.48 11.46
C PHE D 120 31.13 -18.22 11.92
N LYS D 121 31.79 -17.23 11.34
CA LYS D 121 33.18 -16.99 11.73
C LYS D 121 33.36 -16.48 13.15
N GLU D 122 32.52 -15.53 13.56
CA GLU D 122 32.62 -14.99 14.91
C GLU D 122 32.26 -15.99 16.01
N ALA D 123 31.22 -16.78 15.79
CA ALA D 123 30.81 -17.77 16.78
C ALA D 123 31.92 -18.77 17.02
N LEU D 124 32.63 -19.16 15.97
CA LEU D 124 33.72 -20.12 16.14
C LEU D 124 34.82 -19.60 17.08
N LYS D 125 34.90 -18.29 17.27
CA LYS D 125 35.90 -17.71 18.14
C LYS D 125 35.54 -17.97 19.61
N ASP D 126 34.28 -18.33 19.87
CA ASP D 126 33.86 -18.58 21.24
C ASP D 126 33.88 -20.03 21.69
N TYR D 127 33.60 -20.96 20.80
CA TYR D 127 33.44 -22.34 21.23
C TYR D 127 33.55 -23.24 20.00
N ASP D 128 33.78 -24.54 20.22
CA ASP D 128 33.91 -25.47 19.09
C ASP D 128 32.56 -25.98 18.62
N TYR D 129 31.76 -25.07 18.08
CA TYR D 129 30.44 -25.43 17.57
C TYR D 129 30.61 -26.35 16.39
N ASN D 130 29.72 -27.33 16.26
CA ASN D 130 29.78 -28.25 15.14
C ASN D 130 28.49 -28.14 14.32
N CYS D 131 27.64 -27.21 14.68
CA CYS D 131 26.35 -27.04 13.99
C CYS D 131 25.92 -25.57 13.99
N PHE D 132 25.37 -25.12 12.87
CA PHE D 132 24.95 -23.74 12.75
C PHE D 132 23.53 -23.60 12.26
N VAL D 133 22.71 -22.92 13.04
CA VAL D 133 21.32 -22.73 12.66
C VAL D 133 21.26 -21.28 12.27
N PHE D 134 20.68 -21.03 11.12
CA PHE D 134 20.57 -19.67 10.63
C PHE D 134 19.10 -19.37 10.70
N SER D 135 18.73 -18.33 11.43
CA SER D 135 17.32 -18.01 11.58
C SER D 135 16.92 -16.56 11.47
N ASP D 136 15.78 -16.30 10.82
CA ASP D 136 15.24 -14.95 10.72
C ASP D 136 14.89 -14.59 12.16
N VAL D 137 14.89 -13.30 12.49
CA VAL D 137 14.60 -12.87 13.85
C VAL D 137 13.11 -12.89 14.16
N ASP D 138 12.32 -13.09 13.12
CA ASP D 138 10.88 -13.05 13.24
C ASP D 138 10.13 -14.37 12.98
N LEU D 139 10.83 -15.50 13.09
CA LEU D 139 10.22 -16.81 12.87
C LEU D 139 10.33 -17.62 14.16
N ILE D 140 9.19 -18.15 14.62
CA ILE D 140 9.15 -18.92 15.86
C ILE D 140 8.54 -20.28 15.58
N PRO D 141 9.22 -21.36 15.98
CA PRO D 141 8.69 -22.70 15.73
C PRO D 141 7.49 -22.96 16.62
N MET D 142 6.48 -23.65 16.07
CA MET D 142 5.27 -23.92 16.84
C MET D 142 5.24 -25.28 17.50
N ASN D 143 6.25 -26.10 17.25
CA ASN D 143 6.32 -27.44 17.86
C ASN D 143 7.78 -27.69 18.31
N ASP D 144 8.01 -28.02 19.58
CA ASP D 144 9.39 -28.22 19.99
C ASP D 144 10.00 -29.54 19.52
N HIS D 145 9.27 -30.31 18.71
CA HIS D 145 9.85 -31.54 18.14
C HIS D 145 10.64 -31.12 16.88
N ASN D 146 10.50 -29.86 16.46
CA ASN D 146 11.21 -29.37 15.28
C ASN D 146 12.56 -28.93 15.85
N THR D 147 13.46 -29.90 15.97
CA THR D 147 14.75 -29.66 16.59
C THR D 147 15.71 -28.73 15.88
N TYR D 148 16.20 -27.72 16.61
CA TYR D 148 17.13 -26.74 16.06
C TYR D 148 18.57 -27.27 16.11
N ARG D 149 18.84 -28.29 15.30
CA ARG D 149 20.18 -28.83 15.25
C ARG D 149 20.43 -29.37 13.86
N CYS D 150 21.62 -29.97 13.67
CA CYS D 150 22.01 -30.48 12.37
C CYS D 150 21.75 -31.94 12.13
N PHE D 151 21.64 -32.29 10.85
CA PHE D 151 21.35 -33.66 10.47
C PHE D 151 22.38 -34.14 9.48
N SER D 152 22.26 -35.40 9.07
CA SER D 152 23.22 -35.97 8.13
C SER D 152 23.28 -35.14 6.84
N GLN D 153 22.18 -34.48 6.51
CA GLN D 153 22.10 -33.61 5.33
C GLN D 153 21.64 -32.22 5.78
N PRO D 154 21.94 -31.16 4.99
CA PRO D 154 21.53 -29.79 5.31
C PRO D 154 20.04 -29.81 5.68
N ARG D 155 19.70 -29.13 6.76
CA ARG D 155 18.33 -29.16 7.26
C ARG D 155 17.51 -27.87 7.06
N HIS D 156 16.34 -27.98 6.45
CA HIS D 156 15.48 -26.82 6.29
C HIS D 156 14.50 -26.98 7.46
N ILE D 157 14.45 -25.98 8.35
CA ILE D 157 13.64 -26.04 9.54
C ILE D 157 12.23 -25.41 9.51
N SER D 158 12.11 -24.23 8.91
CA SER D 158 10.83 -23.53 8.87
C SER D 158 10.13 -24.03 7.63
N VAL D 159 9.64 -25.24 7.72
CA VAL D 159 9.00 -25.91 6.59
C VAL D 159 7.54 -25.56 6.28
N ALA D 160 6.82 -25.10 7.29
CA ALA D 160 5.38 -24.84 7.17
C ALA D 160 5.02 -23.53 7.82
N MET D 161 5.36 -22.44 7.15
CA MET D 161 5.14 -21.11 7.69
C MET D 161 3.70 -20.61 7.54
N ASP D 162 3.16 -20.04 8.62
CA ASP D 162 1.80 -19.51 8.58
C ASP D 162 1.63 -18.57 7.38
N LYS D 163 2.65 -17.77 7.08
CA LYS D 163 2.57 -16.84 5.95
C LYS D 163 2.46 -17.54 4.60
N PHE D 164 2.80 -18.82 4.53
CA PHE D 164 2.68 -19.56 3.26
C PHE D 164 1.62 -20.67 3.43
N GLY D 165 0.63 -20.41 4.27
CA GLY D 165 -0.43 -21.38 4.48
C GLY D 165 -0.01 -22.68 5.14
N PHE D 166 0.97 -22.63 6.03
CA PHE D 166 1.46 -23.82 6.73
C PHE D 166 1.82 -24.92 5.75
N SER D 167 2.35 -24.52 4.61
CA SER D 167 2.77 -25.46 3.58
C SER D 167 4.10 -25.02 2.98
N LEU D 168 4.97 -25.98 2.64
CA LEU D 168 6.25 -25.64 2.04
C LEU D 168 5.95 -25.04 0.64
N PRO D 169 6.29 -23.77 0.42
CA PRO D 169 6.02 -23.14 -0.88
C PRO D 169 6.57 -23.92 -2.07
N TYR D 170 7.80 -24.38 -1.99
CA TYR D 170 8.37 -25.19 -3.05
C TYR D 170 9.49 -25.99 -2.44
N VAL D 171 9.77 -27.13 -3.06
CA VAL D 171 10.75 -28.09 -2.61
C VAL D 171 12.22 -27.63 -2.59
N GLN D 172 12.51 -26.58 -3.34
CA GLN D 172 13.85 -26.06 -3.41
C GLN D 172 14.01 -24.85 -2.47
N TYR D 173 12.97 -24.59 -1.68
CA TYR D 173 12.97 -23.47 -0.75
C TYR D 173 13.85 -23.73 0.47
N PHE D 174 14.75 -22.79 0.75
CA PHE D 174 15.64 -22.95 1.89
C PHE D 174 15.62 -21.66 2.72
N GLY D 175 14.56 -20.86 2.60
CA GLY D 175 14.55 -19.63 3.36
C GLY D 175 13.96 -19.77 4.76
N GLY D 176 14.17 -18.76 5.61
CA GLY D 176 13.62 -18.76 6.94
C GLY D 176 14.53 -19.27 8.04
N VAL D 177 14.49 -20.58 8.28
CA VAL D 177 15.32 -21.16 9.33
C VAL D 177 15.93 -22.41 8.74
N SER D 178 17.26 -22.54 8.82
CA SER D 178 17.91 -23.72 8.29
C SER D 178 19.11 -24.03 9.18
N ALA D 179 19.71 -25.19 8.96
CA ALA D 179 20.87 -25.57 9.76
C ALA D 179 21.86 -26.38 8.96
N LEU D 180 23.13 -26.07 9.12
CA LEU D 180 24.17 -26.85 8.43
C LEU D 180 25.27 -27.19 9.43
N SER D 181 25.77 -28.41 9.35
CA SER D 181 26.85 -28.82 10.21
C SER D 181 28.04 -27.95 9.78
N LYS D 182 29.06 -27.83 10.63
CA LYS D 182 30.23 -27.03 10.30
C LYS D 182 30.83 -27.51 8.96
N GLN D 183 30.92 -28.82 8.79
CA GLN D 183 31.50 -29.37 7.57
C GLN D 183 30.60 -29.14 6.34
N GLN D 184 29.29 -29.28 6.52
CA GLN D 184 28.40 -29.05 5.39
C GLN D 184 28.62 -27.59 4.95
N PHE D 185 28.68 -26.66 5.90
CA PHE D 185 28.87 -25.25 5.60
C PHE D 185 30.22 -24.98 4.89
N LEU D 186 31.26 -25.58 5.40
CA LEU D 186 32.59 -25.43 4.82
C LEU D 186 32.63 -25.97 3.41
N SER D 187 31.95 -27.09 3.15
CA SER D 187 32.00 -27.69 1.82
C SER D 187 31.38 -26.87 0.71
N ILE D 188 30.55 -25.88 1.02
CA ILE D 188 29.96 -25.07 -0.04
C ILE D 188 30.57 -23.68 -0.06
N ASN D 189 31.67 -23.50 0.67
CA ASN D 189 32.35 -22.22 0.73
C ASN D 189 31.43 -21.25 1.43
N GLY D 190 30.68 -21.75 2.40
CA GLY D 190 29.76 -20.90 3.11
C GLY D 190 28.70 -20.33 2.17
N PHE D 191 28.19 -19.15 2.53
CA PHE D 191 27.15 -18.49 1.77
C PHE D 191 27.71 -17.31 0.96
N PRO D 192 26.97 -16.84 -0.05
CA PRO D 192 27.42 -15.72 -0.89
C PRO D 192 27.46 -14.41 -0.09
N ASN D 193 28.33 -13.47 -0.48
CA ASN D 193 28.39 -12.16 0.20
C ASN D 193 27.90 -11.09 -0.77
N ASN D 194 27.70 -11.50 -2.00
CA ASN D 194 27.31 -10.56 -3.05
C ASN D 194 25.82 -10.35 -3.31
N TYR D 195 24.97 -10.86 -2.44
CA TYR D 195 23.52 -10.64 -2.59
C TYR D 195 23.12 -9.51 -1.65
N TRP D 196 22.92 -8.32 -2.22
CA TRP D 196 22.52 -7.15 -1.46
C TRP D 196 21.05 -6.90 -1.64
N GLY D 197 20.37 -6.50 -0.57
CA GLY D 197 18.94 -6.28 -0.66
C GLY D 197 18.20 -7.60 -0.54
N TRP D 198 16.88 -7.56 -0.61
CA TRP D 198 16.07 -8.77 -0.43
C TRP D 198 15.96 -9.82 -1.56
N GLY D 199 15.98 -11.10 -1.15
CA GLY D 199 15.81 -12.22 -2.07
C GLY D 199 16.92 -12.93 -2.79
N GLY D 200 16.63 -14.19 -3.11
CA GLY D 200 17.54 -15.02 -3.87
C GLY D 200 18.71 -15.71 -3.21
N GLU D 201 19.23 -15.13 -2.13
CA GLU D 201 20.40 -15.70 -1.46
C GLU D 201 20.13 -17.10 -0.96
N ASP D 202 18.90 -17.31 -0.50
CA ASP D 202 18.47 -18.60 0.00
C ASP D 202 18.40 -19.60 -1.15
N ASP D 203 17.98 -19.15 -2.35
CA ASP D 203 17.97 -20.07 -3.51
C ASP D 203 19.42 -20.35 -3.93
N ASP D 204 20.28 -19.35 -3.78
CA ASP D 204 21.70 -19.51 -4.10
C ASP D 204 22.27 -20.58 -3.18
N ILE D 205 21.95 -20.48 -1.89
CA ILE D 205 22.45 -21.46 -0.92
C ILE D 205 21.94 -22.86 -1.28
N TYR D 206 20.67 -22.97 -1.63
CA TYR D 206 20.15 -24.27 -2.05
C TYR D 206 20.95 -24.81 -3.23
N ASN D 207 21.28 -23.94 -4.17
CA ASN D 207 22.04 -24.37 -5.35
C ASN D 207 23.40 -24.90 -4.94
N ARG D 208 24.04 -24.22 -3.99
CA ARG D 208 25.36 -24.63 -3.52
C ARG D 208 25.28 -26.04 -2.95
N LEU D 209 24.27 -26.30 -2.14
CA LEU D 209 24.09 -27.61 -1.53
C LEU D 209 24.01 -28.64 -2.64
N ALA D 210 23.12 -28.40 -3.59
CA ALA D 210 22.96 -29.34 -4.69
C ALA D 210 24.25 -29.58 -5.47
N PHE D 211 24.93 -28.51 -5.88
CA PHE D 211 26.18 -28.65 -6.63
C PHE D 211 27.26 -29.38 -5.83
N ARG D 212 27.08 -29.46 -4.51
CA ARG D 212 28.07 -30.17 -3.69
C ARG D 212 27.57 -31.54 -3.26
N GLY D 213 26.57 -32.05 -3.97
CA GLY D 213 26.07 -33.38 -3.67
C GLY D 213 25.17 -33.56 -2.47
N MET D 214 24.72 -32.47 -1.86
CA MET D 214 23.86 -32.59 -0.69
C MET D 214 22.40 -32.38 -1.03
N SER D 215 21.52 -32.93 -0.20
CA SER D 215 20.08 -32.79 -0.36
C SER D 215 19.53 -32.06 0.86
N VAL D 216 18.22 -31.88 0.94
CA VAL D 216 17.68 -31.15 2.07
C VAL D 216 16.89 -32.06 2.96
N SER D 217 17.16 -32.02 4.26
CA SER D 217 16.42 -32.83 5.20
C SER D 217 15.34 -31.91 5.80
N ARG D 218 14.16 -32.43 6.11
CA ARG D 218 13.12 -31.60 6.71
C ARG D 218 12.23 -32.37 7.66
N PRO D 219 11.71 -31.69 8.69
CA PRO D 219 10.82 -32.35 9.65
C PRO D 219 9.51 -32.44 8.89
N ASN D 220 8.55 -33.24 9.33
CA ASN D 220 7.28 -33.26 8.60
C ASN D 220 6.55 -31.96 8.87
N ALA D 221 5.67 -31.59 7.93
CA ALA D 221 4.90 -30.36 8.00
C ALA D 221 4.04 -30.18 9.25
N VAL D 222 3.72 -31.27 9.93
CA VAL D 222 2.92 -31.13 11.12
C VAL D 222 3.77 -30.53 12.22
N ILE D 223 4.97 -31.08 12.41
CA ILE D 223 5.81 -30.56 13.48
C ILE D 223 6.68 -29.37 13.02
N GLY D 224 6.69 -29.07 11.72
CA GLY D 224 7.51 -27.97 11.22
C GLY D 224 6.76 -26.64 11.12
N LYS D 225 5.55 -26.56 11.66
CA LYS D 225 4.78 -25.33 11.61
C LYS D 225 5.54 -24.20 12.30
N THR D 226 5.55 -23.04 11.66
CA THR D 226 6.27 -21.90 12.19
C THR D 226 5.43 -20.62 12.13
N ARG D 227 5.55 -19.77 13.15
CA ARG D 227 4.81 -18.51 13.16
C ARG D 227 5.71 -17.32 12.82
N HIS D 228 5.17 -16.41 12.01
CA HIS D 228 5.90 -15.23 11.59
C HIS D 228 5.32 -13.98 12.23
N ILE D 229 6.18 -13.04 12.61
CA ILE D 229 5.73 -11.78 13.19
C ILE D 229 5.56 -10.87 11.97
N ARG D 230 4.31 -10.61 11.57
CA ARG D 230 4.08 -9.76 10.39
C ARG D 230 4.63 -8.38 10.61
N HIS D 231 5.23 -7.84 9.55
CA HIS D 231 5.86 -6.54 9.61
C HIS D 231 5.94 -5.93 8.22
N SER D 232 6.13 -4.62 8.13
CA SER D 232 6.24 -4.00 6.83
C SER D 232 7.68 -4.20 6.30
N ARG D 233 7.86 -4.12 4.98
CA ARG D 233 9.18 -4.29 4.37
C ARG D 233 10.11 -3.23 4.95
N ASP D 234 11.30 -3.64 5.37
CA ASP D 234 12.25 -2.70 5.96
C ASP D 234 12.82 -1.79 4.88
N LYS D 235 13.30 -0.63 5.32
CA LYS D 235 13.91 0.29 4.39
C LYS D 235 15.32 -0.28 4.20
N LYS D 236 15.83 -0.16 2.99
CA LYS D 236 17.16 -0.64 2.66
C LYS D 236 17.30 -2.14 2.50
N ASN D 237 16.18 -2.81 2.29
CA ASN D 237 16.18 -4.23 2.02
C ASN D 237 15.06 -4.43 1.03
N GLU D 238 15.06 -3.61 -0.02
CA GLU D 238 14.05 -3.71 -1.06
C GLU D 238 14.50 -4.88 -1.96
N PRO D 239 13.55 -5.56 -2.61
CA PRO D 239 13.89 -6.69 -3.48
C PRO D 239 15.08 -6.41 -4.40
N ASN D 240 16.01 -7.36 -4.45
CA ASN D 240 17.20 -7.24 -5.29
C ASN D 240 16.85 -7.47 -6.77
N PRO D 241 16.89 -6.42 -7.60
CA PRO D 241 16.58 -6.52 -9.04
C PRO D 241 17.43 -7.56 -9.79
N GLN D 242 18.64 -7.81 -9.30
CA GLN D 242 19.52 -8.79 -9.94
C GLN D 242 19.38 -10.20 -9.40
N ARG D 243 18.55 -10.41 -8.38
CA ARG D 243 18.52 -11.75 -7.78
C ARG D 243 18.32 -12.90 -8.73
N PHE D 244 17.40 -12.80 -9.68
CA PHE D 244 17.21 -13.94 -10.59
C PHE D 244 18.39 -14.22 -11.52
N ASP D 245 19.18 -13.21 -11.85
CA ASP D 245 20.36 -13.46 -12.70
C ASP D 245 21.43 -14.18 -11.90
N ARG D 246 21.69 -13.71 -10.69
CA ARG D 246 22.71 -14.29 -9.82
C ARG D 246 22.47 -15.77 -9.48
N ILE D 247 21.22 -16.15 -9.23
CA ILE D 247 20.87 -17.54 -8.90
C ILE D 247 21.23 -18.48 -10.03
N ALA D 248 21.26 -17.95 -11.25
CA ALA D 248 21.56 -18.77 -12.41
C ALA D 248 23.04 -19.10 -12.57
N HIS D 249 23.88 -18.43 -11.78
CA HIS D 249 25.33 -18.63 -11.90
C HIS D 249 26.06 -19.15 -10.67
N THR D 250 25.30 -19.63 -9.70
CA THR D 250 25.84 -20.17 -8.45
C THR D 250 27.00 -21.15 -8.62
N LYS D 251 26.88 -22.11 -9.54
CA LYS D 251 27.96 -23.08 -9.73
C LYS D 251 29.29 -22.35 -9.97
N GLU D 252 29.22 -21.25 -10.70
CA GLU D 252 30.41 -20.47 -11.01
C GLU D 252 30.84 -19.55 -9.85
N THR D 253 29.94 -18.66 -9.44
CA THR D 253 30.20 -17.69 -8.38
C THR D 253 30.48 -18.23 -6.97
N MET D 254 30.03 -19.44 -6.64
CA MET D 254 30.27 -19.97 -5.29
C MET D 254 31.74 -20.27 -5.02
N LEU D 255 32.50 -20.42 -6.10
CA LEU D 255 33.92 -20.70 -6.01
C LEU D 255 34.65 -19.43 -5.56
N SER D 256 34.15 -18.28 -5.96
CA SER D 256 34.83 -17.04 -5.61
C SER D 256 34.07 -16.07 -4.72
N ASP D 257 32.96 -16.51 -4.15
CA ASP D 257 32.17 -15.65 -3.28
C ASP D 257 31.62 -16.50 -2.16
N GLY D 258 32.21 -16.32 -0.98
CA GLY D 258 31.83 -17.08 0.18
C GLY D 258 32.84 -16.82 1.27
N LEU D 259 33.09 -17.81 2.12
CA LEU D 259 34.05 -17.63 3.19
C LEU D 259 35.39 -17.16 2.66
N ASN D 260 35.81 -17.73 1.55
CA ASN D 260 37.09 -17.38 0.98
C ASN D 260 37.18 -15.94 0.48
N SER D 261 36.09 -15.19 0.53
CA SER D 261 36.13 -13.82 0.04
C SER D 261 35.51 -12.87 1.02
N LEU D 262 35.21 -13.37 2.21
CA LEU D 262 34.59 -12.59 3.25
C LEU D 262 35.47 -11.52 3.90
N THR D 263 34.98 -10.29 3.91
CA THR D 263 35.71 -9.20 4.54
C THR D 263 34.72 -8.37 5.30
N TYR D 264 35.11 -7.93 6.50
CA TYR D 264 34.25 -7.12 7.33
C TYR D 264 35.04 -6.63 8.53
N MET D 265 34.49 -5.64 9.22
CA MET D 265 35.14 -5.13 10.41
C MET D 265 34.17 -5.15 11.58
N VAL D 266 34.56 -5.78 12.67
CA VAL D 266 33.72 -5.81 13.83
C VAL D 266 33.87 -4.44 14.47
N LEU D 267 32.74 -3.76 14.73
CA LEU D 267 32.77 -2.44 15.36
C LEU D 267 32.43 -2.52 16.84
N GLU D 268 31.77 -3.60 17.24
CA GLU D 268 31.39 -3.77 18.63
C GLU D 268 30.83 -5.15 18.92
N VAL D 269 31.24 -5.71 20.06
CA VAL D 269 30.73 -7.00 20.52
C VAL D 269 30.04 -6.73 21.85
N GLN D 270 28.78 -7.18 21.95
CA GLN D 270 28.01 -7.02 23.18
C GLN D 270 27.57 -8.37 23.71
N ARG D 271 27.92 -8.66 24.96
CA ARG D 271 27.53 -9.90 25.60
C ARG D 271 26.43 -9.55 26.56
N TYR D 272 25.24 -10.09 26.29
CA TYR D 272 24.07 -9.87 27.11
C TYR D 272 23.70 -11.16 27.80
N PRO D 273 22.81 -11.08 28.79
CA PRO D 273 22.44 -12.32 29.47
C PRO D 273 21.84 -13.34 28.47
N LEU D 274 21.00 -12.87 27.55
CA LEU D 274 20.31 -13.77 26.62
C LEU D 274 20.90 -13.97 25.22
N TYR D 275 21.89 -13.17 24.84
CA TYR D 275 22.49 -13.31 23.52
C TYR D 275 23.73 -12.45 23.35
N THR D 276 24.47 -12.77 22.30
CA THR D 276 25.65 -12.04 21.92
C THR D 276 25.27 -11.26 20.67
N LYS D 277 25.55 -9.96 20.66
CA LYS D 277 25.26 -9.12 19.50
C LYS D 277 26.54 -8.51 18.92
N ILE D 278 26.87 -8.84 17.68
CA ILE D 278 28.07 -8.36 17.03
C ILE D 278 27.72 -7.37 15.94
N THR D 279 28.10 -6.11 16.13
CA THR D 279 27.82 -5.09 15.15
C THR D 279 29.01 -5.03 14.19
N VAL D 280 28.74 -5.19 12.91
CA VAL D 280 29.78 -5.21 11.92
C VAL D 280 29.58 -4.29 10.74
N ASP D 281 30.68 -3.84 10.16
CA ASP D 281 30.64 -3.00 8.98
C ASP D 281 30.92 -4.00 7.86
N ILE D 282 29.93 -4.27 7.02
CA ILE D 282 30.12 -5.24 5.94
C ILE D 282 30.29 -4.60 4.58
N GLY D 283 30.51 -3.29 4.55
CA GLY D 283 30.71 -2.62 3.28
C GLY D 283 29.42 -2.26 2.56
N THR D 284 29.57 -1.96 1.28
CA THR D 284 28.43 -1.56 0.44
C THR D 284 28.39 -2.40 -0.85
N PRO D 285 27.26 -2.34 -1.59
CA PRO D 285 27.14 -3.10 -2.83
C PRO D 285 28.31 -2.81 -3.77
N SER D 286 29.10 -3.84 -4.03
CA SER D 286 30.27 -3.74 -4.92
C SER D 286 30.05 -4.60 -6.16
CA CA E . -35.28 -0.52 -13.30
O1 MES F . -27.39 14.30 -16.12
C2 MES F . -27.09 15.58 -16.69
C3 MES F . -28.35 16.45 -16.71
N4 MES F . -29.37 15.76 -17.60
C5 MES F . -29.68 14.37 -17.06
C6 MES F . -28.38 13.57 -16.91
C7 MES F . -30.67 16.53 -17.75
C8 MES F . -30.78 16.94 -19.20
S MES F . -32.25 17.85 -19.58
O1S MES F . -33.42 17.02 -19.25
O2S MES F . -32.16 18.16 -21.02
O3S MES F . -32.20 19.06 -18.73
N1 GDU G . -18.73 20.54 3.67
C2 GDU G . -19.08 20.90 4.98
N3 GDU G . -20.44 21.09 5.19
C4 GDU G . -21.47 20.95 4.24
C5 GDU G . -21.02 20.58 2.92
C6 GDU G . -19.73 20.39 2.67
O2 GDU G . -18.19 21.03 5.84
O4 GDU G . -22.63 21.15 4.56
C1D GDU G . -17.24 20.32 3.39
C2D GDU G . -16.56 19.19 4.08
O2D GDU G . -15.15 19.45 4.30
C3D GDU G . -16.85 18.09 3.10
C4D GDU G . -16.57 18.72 1.77
O4D GDU G . -17.18 20.01 2.00
O3D GDU G . -16.07 16.91 3.29
C5D GDU G . -17.21 17.91 0.66
O5D GDU G . -18.65 17.78 0.73
PA GDU G . -19.37 16.38 0.81
O1A GDU G . -18.65 15.55 1.81
O2A GDU G . -20.85 16.45 0.97
O3A GDU G . -19.10 15.86 -0.73
PB GDU G . -18.27 14.65 -1.25
O1B GDU G . -19.31 13.98 -2.22
O2B GDU G . -18.02 13.76 -0.09
O3B GDU G . -16.92 15.21 -1.60
C1' GDU G . -16.39 15.16 -2.93
C2' GDU G . -14.90 15.53 -2.88
C3' GDU G . -14.76 16.99 -2.45
C4' GDU G . -15.47 17.87 -3.49
C5' GDU G . -16.97 17.50 -3.59
C6' GDU G . -17.78 17.98 -4.78
O2' GDU G . -14.18 14.75 -1.93
O3' GDU G . -13.41 17.44 -2.42
O4' GDU G . -14.92 17.77 -4.79
O5' GDU G . -17.07 16.04 -3.90
O6' GDU G . -18.28 19.30 -4.69
CA CA H . -17.92 13.48 2.22
N1 UDP I . -12.20 22.94 21.57
C2 UDP I . -11.06 22.69 22.38
N3 UDP I . -9.85 22.85 21.75
C4 UDP I . -9.63 23.22 20.40
C5 UDP I . -10.84 23.46 19.65
C6 UDP I . -12.03 23.32 20.22
O2 UDP I . -11.23 22.36 23.56
O4 UDP I . -8.50 23.32 19.96
C1' UDP I . -13.54 22.76 22.23
C2' UDP I . -14.02 23.77 23.25
O2' UDP I . -14.76 23.18 24.36
C3' UDP I . -14.82 24.68 22.35
C4' UDP I . -15.57 23.71 21.47
O4' UDP I . -14.49 22.78 21.17
O3' UDP I . -15.72 25.54 23.03
C5' UDP I . -16.22 24.36 20.27
O5' UDP I . -15.42 24.93 19.23
PA UDP I . -16.04 25.67 17.94
O1A UDP I . -15.05 25.66 16.83
O2A UDP I . -16.64 27.02 18.18
O3A UDP I . -17.29 24.62 17.68
PB UDP I . -18.77 24.93 17.23
O1B UDP I . -19.35 23.44 17.22
O2B UDP I . -19.32 25.72 18.37
O3B UDP I . -18.79 25.87 16.07
CA CA J . -6.53 -4.98 -11.07
N1 GDU K . 16.55 -8.35 8.62
C2 GDU K . 16.69 -7.43 9.68
N3 GDU K . 16.53 -6.08 9.33
C4 GDU K . 16.23 -5.59 8.03
C5 GDU K . 16.10 -6.60 7.04
C6 GDU K . 16.25 -7.87 7.33
O2 GDU K . 16.95 -7.85 10.80
O4 GDU K . 16.10 -4.39 7.83
C1D GDU K . 16.72 -9.79 8.96
C2D GDU K . 15.75 -10.42 9.90
O2D GDU K . 16.32 -11.50 10.63
C3D GDU K . 14.70 -10.81 8.94
C4D GDU K . 15.51 -11.45 7.81
O4D GDU K . 16.56 -10.47 7.72
O3D GDU K . 13.70 -11.69 9.50
C5D GDU K . 14.69 -11.54 6.56
O5D GDU K . 14.20 -10.29 6.06
PA GDU K . 12.63 -10.01 5.84
O1A GDU K . 11.95 -10.39 7.12
O2A GDU K . 12.31 -8.66 5.38
O3A GDU K . 12.35 -11.08 4.63
PB GDU K . 11.32 -12.28 4.48
O1B GDU K . 10.60 -11.92 3.14
O2B GDU K . 10.37 -12.14 5.65
O3B GDU K . 12.11 -13.50 4.72
C1' GDU K . 12.42 -14.46 3.70
C2' GDU K . 13.19 -15.65 4.35
C3' GDU K . 14.61 -15.16 4.77
C4' GDU K . 15.35 -14.60 3.51
C5' GDU K . 14.55 -13.45 2.85
C6' GDU K . 14.92 -13.08 1.42
O2' GDU K . 12.56 -16.13 5.55
O3' GDU K . 15.45 -16.23 5.21
O4' GDU K . 15.56 -15.59 2.53
O5' GDU K . 13.17 -13.96 2.53
O6' GDU K . 16.18 -12.44 1.25
CA CA L . 9.97 -11.38 7.79
N1 UDP M . 18.39 -6.51 27.66
C2 UDP M . 18.18 -7.26 28.84
N3 UDP M . 18.64 -8.58 28.79
C4 UDP M . 19.30 -9.20 27.71
C5 UDP M . 19.48 -8.36 26.56
C6 UDP M . 19.05 -7.10 26.54
O2 UDP M . 17.62 -6.75 29.80
O4 UDP M . 19.66 -10.37 27.79
C1' UDP M . 17.88 -5.07 27.66
C2' UDP M . 18.46 -4.03 28.59
O2' UDP M . 17.46 -3.27 29.33
C3' UDP M . 19.33 -3.19 27.65
C4' UDP M . 18.70 -3.30 26.27
O4' UDP M . 18.06 -4.61 26.33
O3' UDP M . 19.39 -1.83 28.03
C5' UDP M . 19.74 -3.14 25.17
O5' UDP M . 19.58 -3.68 23.83
PA UDP M . 20.70 -3.52 22.65
O1A UDP M . 21.69 -2.46 23.00
O2A UDP M . 21.34 -4.78 22.20
O3A UDP M . 19.70 -3.04 21.42
PB UDP M . 19.26 -1.57 21.05
O1B UDP M . 18.30 -1.89 19.78
O2B UDP M . 18.43 -1.14 22.22
O3B UDP M . 20.43 -0.67 21.06
#